data_8Q3S
#
_entry.id   8Q3S
#
_cell.length_a   79.900
_cell.length_b   179.170
_cell.length_c   58.200
_cell.angle_alpha   90.000
_cell.angle_beta   90.000
_cell.angle_gamma   90.000
#
_symmetry.space_group_name_H-M   'P 21 21 2'
#
loop_
_entity.id
_entity.type
_entity.pdbx_description
1 polymer 'Glycylpeptide N-tetradecanoyltransferase 1'
2 polymer GLY-ASN-CYS-PHE-SER-LYS-ALA-ARG
3 non-polymer 'COENZYME A'
4 non-polymer GLYCEROL
5 non-polymer 'CHLORIDE ION'
6 non-polymer 'MYRISTIC ACID'
7 water water
#
loop_
_entity_poly.entity_id
_entity_poly.type
_entity_poly.pdbx_seq_one_letter_code
_entity_poly.pdbx_strand_id
1 'polypeptide(L)'
;GSEFSVGQGPAKTMEEASKRSYQFWDTQPVPKLGEVVNTHGPVEPDKDNIRQEPYTLPQGFTWDALDLGDRGVLKELYTL
LNENYVEDDDNMFRFDYSPEFLLWALRPPGWLPQWHCGVRVVSSRKLVGFISAIPANIHIYDTEKKMVEINFLCVHKKLR
SKRVAPVLIREITRRVHLEGIFQAVYTAGVVLPKPVGTCRYWHRSLNPRKLIEVKFSHLSRNMTMQRTMKLYRLPETPKT
AGLRPMETKDIPVVHQLLTRYLKQFHLTPVMSQEEVEHWFYPQENIIDTFVVENANGEVTDFLSFYTLPSTIMNHPTHKS
LKAAYSFYNVHTQTPLLDLMSDALVLAKMKGFDVFNALDLMENKTFLEKLKFGIGDGNLQYYLYNWKCPSMGAEKVGLVL
Q
;
A,B
2 'polypeptide(L)' GNCFSKAR C,D
#
# COMPACT_ATOMS: atom_id res chain seq x y z
N PRO A 10 30.12 -18.11 6.12
CA PRO A 10 29.33 -17.70 4.95
C PRO A 10 29.80 -18.38 3.67
N ALA A 11 28.93 -19.18 3.07
CA ALA A 11 29.26 -19.92 1.86
C ALA A 11 29.03 -19.06 0.63
N LYS A 12 30.00 -19.09 -0.30
CA LYS A 12 29.88 -18.35 -1.55
C LYS A 12 29.45 -19.23 -2.72
N THR A 13 29.59 -20.56 -2.63
CA THR A 13 29.11 -21.46 -3.66
C THR A 13 28.09 -22.45 -3.08
N MET A 14 27.34 -23.07 -3.99
CA MET A 14 26.39 -24.08 -3.58
C MET A 14 27.08 -25.31 -2.99
N GLU A 15 28.32 -25.58 -3.44
CA GLU A 15 29.06 -26.73 -2.91
C GLU A 15 29.50 -26.48 -1.47
N GLU A 16 30.05 -25.29 -1.18
CA GLU A 16 30.29 -24.90 0.21
C GLU A 16 29.01 -24.97 1.03
N ALA A 17 27.89 -24.54 0.45
CA ALA A 17 26.63 -24.52 1.18
C ALA A 17 26.15 -25.92 1.52
N SER A 18 26.50 -26.92 0.70
CA SER A 18 26.17 -28.31 1.01
C SER A 18 26.75 -28.74 2.36
N LYS A 19 27.98 -28.32 2.63
CA LYS A 19 28.72 -28.75 3.82
C LYS A 19 28.48 -27.84 5.02
N ARG A 20 27.35 -27.14 5.05
CA ARG A 20 27.03 -26.19 6.10
C ARG A 20 25.66 -26.51 6.68
N SER A 21 25.49 -26.18 7.96
CA SER A 21 24.19 -26.18 8.62
C SER A 21 23.76 -24.74 8.84
N TYR A 22 22.45 -24.51 8.79
CA TYR A 22 21.88 -23.17 8.86
C TYR A 22 20.94 -23.12 10.07
N GLN A 23 21.53 -22.87 11.24
CA GLN A 23 20.76 -22.88 12.48
C GLN A 23 19.58 -21.91 12.44
N PHE A 24 19.78 -20.75 11.79
CA PHE A 24 18.68 -19.78 11.70
C PHE A 24 17.78 -20.10 10.52
N TRP A 25 18.33 -20.22 9.31
CA TRP A 25 17.47 -20.35 8.14
C TRP A 25 16.69 -21.64 8.13
N ASP A 26 17.13 -22.68 8.87
CA ASP A 26 16.32 -23.88 9.01
C ASP A 26 15.00 -23.63 9.73
N THR A 27 14.91 -22.57 10.55
CA THR A 27 13.68 -22.25 11.28
C THR A 27 12.73 -21.36 10.47
N GLN A 28 13.12 -20.93 9.27
CA GLN A 28 12.37 -19.94 8.51
C GLN A 28 11.57 -20.58 7.39
N PRO A 29 10.50 -19.91 6.89
CA PRO A 29 9.67 -20.52 5.83
C PRO A 29 10.30 -20.32 4.45
N VAL A 30 11.42 -21.01 4.25
CA VAL A 30 12.11 -21.09 2.96
C VAL A 30 12.37 -22.56 2.68
N PRO A 31 12.53 -22.94 1.42
CA PRO A 31 12.82 -24.34 1.10
C PRO A 31 14.25 -24.71 1.51
N LYS A 32 14.46 -26.01 1.70
CA LYS A 32 15.80 -26.50 2.00
C LYS A 32 16.69 -26.45 0.76
N LEU A 33 17.97 -26.16 1.00
CA LEU A 33 18.96 -26.10 -0.07
C LEU A 33 18.93 -27.35 -0.94
N GLY A 34 18.69 -28.51 -0.34
CA GLY A 34 18.71 -29.74 -1.10
C GLY A 34 17.54 -29.88 -2.06
N GLU A 35 16.33 -29.51 -1.61
CA GLU A 35 15.13 -29.95 -2.29
C GLU A 35 14.93 -29.26 -3.64
N VAL A 36 14.34 -30.00 -4.56
CA VAL A 36 13.91 -29.48 -5.85
C VAL A 36 12.42 -29.20 -5.75
N VAL A 37 12.01 -28.00 -6.11
CA VAL A 37 10.64 -27.54 -5.87
C VAL A 37 9.85 -27.65 -7.17
N ASN A 38 8.66 -28.25 -7.10
CA ASN A 38 7.77 -28.32 -8.24
C ASN A 38 6.41 -27.67 -8.00
N THR A 39 6.16 -27.14 -6.80
CA THR A 39 4.91 -26.47 -6.47
C THR A 39 5.09 -24.95 -6.51
N HIS A 40 3.98 -24.22 -6.31
CA HIS A 40 3.98 -22.75 -6.37
C HIS A 40 3.08 -22.22 -5.27
N GLY A 41 3.65 -21.61 -4.23
CA GLY A 41 2.80 -21.00 -3.24
C GLY A 41 3.47 -20.77 -1.89
N PRO A 42 2.69 -20.29 -0.93
CA PRO A 42 3.27 -19.98 0.39
C PRO A 42 3.78 -21.22 1.11
N VAL A 43 4.80 -21.03 1.94
CA VAL A 43 5.23 -22.09 2.84
C VAL A 43 4.31 -22.18 4.06
N GLU A 44 3.90 -21.04 4.60
CA GLU A 44 3.02 -20.96 5.76
C GLU A 44 1.89 -19.97 5.52
N PRO A 45 0.80 -20.07 6.26
CA PRO A 45 -0.34 -19.17 6.06
C PRO A 45 -0.05 -17.73 6.48
N ASP A 46 -0.80 -16.80 5.87
CA ASP A 46 -0.94 -15.47 6.44
C ASP A 46 -1.32 -15.59 7.91
N LYS A 47 -0.75 -14.73 8.74
CA LYS A 47 -0.95 -14.82 10.19
C LYS A 47 -2.13 -13.95 10.62
N ASP A 48 -3.07 -14.53 11.36
CA ASP A 48 -4.16 -13.69 11.83
C ASP A 48 -3.94 -13.19 13.25
N ASN A 49 -2.81 -13.50 13.88
CA ASN A 49 -2.37 -12.64 14.97
C ASN A 49 -0.85 -12.61 14.97
N ILE A 50 -0.32 -11.42 15.26
CA ILE A 50 1.10 -11.14 15.09
C ILE A 50 1.63 -10.62 16.42
N ARG A 51 2.80 -11.13 16.82
CA ARG A 51 3.54 -10.66 17.98
C ARG A 51 3.57 -9.14 18.05
N GLN A 52 3.02 -8.57 19.13
CA GLN A 52 3.01 -7.11 19.27
C GLN A 52 4.29 -6.54 19.84
N GLU A 53 5.09 -7.33 20.52
CA GLU A 53 6.29 -6.84 21.18
C GLU A 53 7.51 -7.07 20.29
N PRO A 54 8.41 -6.08 20.22
CA PRO A 54 9.67 -6.28 19.51
C PRO A 54 10.47 -7.44 20.07
N TYR A 55 11.25 -8.09 19.21
CA TYR A 55 12.12 -9.15 19.65
C TYR A 55 13.23 -8.62 20.57
N THR A 56 13.73 -9.50 21.43
CA THR A 56 14.72 -9.12 22.43
C THR A 56 16.10 -8.99 21.81
N LEU A 57 16.71 -7.84 22.00
CA LEU A 57 18.11 -7.63 21.62
C LEU A 57 19.03 -8.00 22.77
N PRO A 58 20.31 -8.25 22.47
CA PRO A 58 21.29 -8.41 23.55
C PRO A 58 21.25 -7.22 24.49
N GLN A 59 21.62 -7.45 25.74
CA GLN A 59 21.62 -6.42 26.76
C GLN A 59 22.43 -5.20 26.31
N GLY A 60 21.88 -4.01 26.49
CA GLY A 60 22.60 -2.81 26.13
C GLY A 60 22.34 -2.31 24.73
N PHE A 61 21.42 -2.93 23.99
CA PHE A 61 21.02 -2.45 22.66
C PHE A 61 19.51 -2.32 22.60
N THR A 62 19.04 -1.43 21.71
CA THR A 62 17.62 -1.12 21.62
C THR A 62 17.24 -0.86 20.17
N TRP A 63 15.94 -1.00 19.88
CA TRP A 63 15.42 -0.73 18.53
C TRP A 63 15.21 0.75 18.31
N ASP A 64 15.30 1.17 17.05
CA ASP A 64 14.85 2.49 16.65
C ASP A 64 14.33 2.41 15.22
N ALA A 65 13.38 3.28 14.91
CA ALA A 65 12.91 3.45 13.54
C ALA A 65 13.55 4.72 13.00
N LEU A 66 14.26 4.62 11.88
CA LEU A 66 15.04 5.75 11.39
C LEU A 66 14.16 6.60 10.46
N ASP A 67 13.85 7.82 10.92
CA ASP A 67 13.21 8.83 10.08
C ASP A 67 14.30 9.49 9.26
N LEU A 68 14.39 9.13 7.97
CA LEU A 68 15.45 9.62 7.10
C LEU A 68 15.23 11.07 6.66
N GLY A 69 14.04 11.62 6.88
CA GLY A 69 13.80 13.04 6.68
C GLY A 69 14.56 13.90 7.66
N ASP A 70 15.03 13.31 8.76
CA ASP A 70 15.98 13.96 9.66
C ASP A 70 17.37 13.80 9.04
N ARG A 71 17.95 14.93 8.59
CA ARG A 71 19.27 14.87 7.95
C ARG A 71 20.32 14.26 8.86
N GLY A 72 20.23 14.49 10.18
CA GLY A 72 21.18 13.90 11.10
C GLY A 72 21.06 12.39 11.18
N VAL A 73 19.82 11.88 11.17
CA VAL A 73 19.62 10.43 11.18
C VAL A 73 20.10 9.81 9.86
N LEU A 74 19.82 10.49 8.74
CA LEU A 74 20.30 10.00 7.45
C LEU A 74 21.82 9.91 7.44
N LYS A 75 22.51 10.89 8.02
CA LYS A 75 23.96 10.84 8.05
C LYS A 75 24.46 9.68 8.93
N GLU A 76 23.76 9.40 10.03
CA GLU A 76 24.12 8.26 10.87
C GLU A 76 24.05 6.96 10.08
N LEU A 77 22.96 6.78 9.32
CA LEU A 77 22.85 5.60 8.47
C LEU A 77 23.93 5.59 7.40
N TYR A 78 24.14 6.72 6.74
CA TYR A 78 25.23 6.80 5.76
C TYR A 78 26.56 6.36 6.38
N THR A 79 26.85 6.83 7.60
CA THR A 79 28.13 6.52 8.21
C THR A 79 28.23 5.05 8.59
N LEU A 80 27.15 4.48 9.12
CA LEU A 80 27.13 3.06 9.44
C LEU A 80 27.47 2.22 8.21
N LEU A 81 26.78 2.49 7.09
CA LEU A 81 27.03 1.72 5.87
C LEU A 81 28.41 2.00 5.30
N ASN A 82 28.81 3.28 5.28
CA ASN A 82 30.12 3.64 4.74
C ASN A 82 31.24 2.90 5.46
N GLU A 83 31.06 2.57 6.75
CA GLU A 83 32.13 1.95 7.51
C GLU A 83 31.97 0.44 7.70
N ASN A 84 30.76 -0.10 7.53
CA ASN A 84 30.52 -1.49 7.90
C ASN A 84 29.75 -2.32 6.88
N TYR A 85 29.45 -1.78 5.70
CA TYR A 85 28.58 -2.49 4.77
C TYR A 85 29.43 -3.38 3.84
N VAL A 86 28.88 -3.76 2.68
CA VAL A 86 29.43 -4.85 1.89
C VAL A 86 30.79 -4.49 1.34
N GLU A 87 31.73 -5.44 1.42
CA GLU A 87 33.06 -5.34 0.83
C GLU A 87 33.25 -6.41 -0.25
N ASP A 88 34.19 -6.16 -1.14
CA ASP A 88 34.55 -7.18 -2.12
C ASP A 88 35.18 -8.38 -1.42
N ASP A 89 35.46 -9.42 -2.22
CA ASP A 89 35.93 -10.68 -1.64
C ASP A 89 37.31 -10.56 -1.00
N ASP A 90 38.09 -9.53 -1.35
CA ASP A 90 39.46 -9.38 -0.86
C ASP A 90 39.62 -8.21 0.09
N ASN A 91 38.51 -7.59 0.52
CA ASN A 91 38.52 -6.48 1.47
C ASN A 91 39.39 -5.34 0.97
N MET A 92 39.20 -4.98 -0.31
CA MET A 92 39.85 -3.84 -0.92
C MET A 92 38.92 -2.68 -1.21
N PHE A 93 37.62 -2.95 -1.39
CA PHE A 93 36.62 -1.93 -1.70
C PHE A 93 35.37 -2.16 -0.85
N ARG A 94 34.69 -1.07 -0.51
CA ARG A 94 33.44 -1.13 0.25
C ARG A 94 32.42 -0.16 -0.35
N PHE A 95 31.17 -0.62 -0.50
CA PHE A 95 30.12 0.25 -1.05
C PHE A 95 30.09 1.57 -0.30
N ASP A 96 29.87 2.65 -1.04
CA ASP A 96 29.78 3.99 -0.46
C ASP A 96 28.49 4.66 -0.95
N TYR A 97 27.35 4.08 -0.57
CA TYR A 97 26.06 4.67 -0.92
C TYR A 97 25.97 6.09 -0.36
N SER A 98 25.57 7.03 -1.22
CA SER A 98 25.46 8.42 -0.79
C SER A 98 24.15 8.64 -0.02
N PRO A 99 24.06 9.73 0.74
CA PRO A 99 22.78 9.99 1.44
C PRO A 99 21.63 10.18 0.49
N GLU A 100 21.86 10.86 -0.63
N GLU A 100 21.86 10.89 -0.62
CA GLU A 100 20.78 11.10 -1.58
CA GLU A 100 20.80 11.12 -1.60
C GLU A 100 20.35 9.80 -2.23
C GLU A 100 20.36 9.81 -2.24
N PHE A 101 21.30 8.90 -2.50
CA PHE A 101 20.95 7.58 -3.01
C PHE A 101 20.09 6.83 -1.99
N LEU A 102 20.48 6.86 -0.72
CA LEU A 102 19.73 6.14 0.30
C LEU A 102 18.28 6.62 0.37
N LEU A 103 18.07 7.93 0.24
CA LEU A 103 16.71 8.46 0.17
C LEU A 103 15.94 7.90 -1.01
N TRP A 104 16.60 7.79 -2.16
CA TRP A 104 15.96 7.21 -3.35
C TRP A 104 15.61 5.75 -3.11
N ALA A 105 16.54 4.98 -2.55
CA ALA A 105 16.30 3.55 -2.37
C ALA A 105 15.35 3.26 -1.23
N LEU A 106 15.27 4.13 -0.23
CA LEU A 106 14.53 3.83 0.99
C LEU A 106 13.25 4.64 1.15
N ARG A 107 13.03 5.65 0.31
CA ARG A 107 11.72 6.31 0.32
C ARG A 107 10.98 6.26 -1.02
N PRO A 108 10.77 5.09 -1.63
CA PRO A 108 9.90 5.01 -2.79
C PRO A 108 8.45 5.13 -2.36
N PRO A 109 7.51 5.17 -3.29
CA PRO A 109 6.09 5.21 -2.91
C PRO A 109 5.71 4.09 -1.95
N GLY A 110 4.99 4.45 -0.89
CA GLY A 110 4.54 3.49 0.09
C GLY A 110 5.52 3.21 1.20
N TRP A 111 6.66 3.90 1.26
CA TRP A 111 7.65 3.62 2.29
C TRP A 111 7.08 3.90 3.67
N LEU A 112 7.64 3.22 4.68
CA LEU A 112 7.23 3.38 6.07
C LEU A 112 8.47 3.58 6.94
N PRO A 113 8.46 4.55 7.85
CA PRO A 113 9.65 4.73 8.73
C PRO A 113 9.89 3.56 9.67
N GLN A 114 8.84 2.87 10.12
CA GLN A 114 9.07 1.69 10.97
C GLN A 114 9.76 0.56 10.22
N TRP A 115 9.75 0.61 8.89
CA TRP A 115 10.49 -0.36 8.08
C TRP A 115 11.92 0.07 7.83
N HIS A 116 12.36 1.18 8.44
CA HIS A 116 13.80 1.53 8.49
C HIS A 116 14.30 1.17 9.89
N CYS A 117 14.65 -0.10 10.04
CA CYS A 117 14.74 -0.73 11.37
C CYS A 117 16.20 -0.69 11.84
N GLY A 118 16.50 0.20 12.78
CA GLY A 118 17.86 0.33 13.30
C GLY A 118 18.03 -0.31 14.68
N VAL A 119 19.29 -0.56 15.03
CA VAL A 119 19.71 -0.98 16.37
C VAL A 119 20.67 0.07 16.88
N ARG A 120 20.44 0.55 18.09
CA ARG A 120 21.31 1.55 18.70
C ARG A 120 21.83 1.04 20.05
N VAL A 121 23.03 1.50 20.41
CA VAL A 121 23.55 1.29 21.77
C VAL A 121 22.69 2.10 22.74
N VAL A 122 22.26 1.47 23.84
CA VAL A 122 21.32 2.14 24.74
C VAL A 122 21.93 3.41 25.32
N SER A 123 23.17 3.30 25.82
CA SER A 123 23.75 4.41 26.59
C SER A 123 24.21 5.56 25.70
N SER A 124 24.76 5.24 24.52
CA SER A 124 25.30 6.27 23.64
C SER A 124 24.39 6.63 22.46
N ARG A 125 23.38 5.82 22.18
CA ARG A 125 22.50 5.94 21.02
C ARG A 125 23.24 5.76 19.69
N LYS A 126 24.48 5.29 19.72
CA LYS A 126 25.21 5.06 18.48
C LYS A 126 24.50 4.00 17.64
N LEU A 127 24.35 4.28 16.35
CA LEU A 127 23.73 3.34 15.42
C LEU A 127 24.72 2.23 15.09
N VAL A 128 24.32 0.98 15.33
CA VAL A 128 25.22 -0.15 15.14
C VAL A 128 24.59 -1.26 14.32
N GLY A 129 23.37 -1.08 13.83
CA GLY A 129 22.76 -2.11 13.00
C GLY A 129 21.56 -1.58 12.26
N PHE A 130 21.23 -2.26 11.17
CA PHE A 130 20.18 -1.75 10.30
C PHE A 130 19.67 -2.85 9.40
N ILE A 131 18.40 -2.71 9.00
CA ILE A 131 17.81 -3.48 7.91
C ILE A 131 16.58 -2.70 7.47
N SER A 132 16.23 -2.81 6.19
CA SER A 132 15.10 -2.05 5.66
C SER A 132 14.16 -2.92 4.84
N ALA A 133 12.90 -2.51 4.80
CA ALA A 133 11.91 -3.07 3.90
C ALA A 133 11.23 -1.93 3.14
N ILE A 134 11.00 -2.13 1.84
CA ILE A 134 10.13 -1.25 1.06
C ILE A 134 9.08 -2.09 0.35
N PRO A 135 7.90 -1.56 0.13
CA PRO A 135 6.85 -2.35 -0.53
C PRO A 135 7.11 -2.49 -2.01
N ALA A 136 6.71 -3.64 -2.55
CA ALA A 136 6.79 -3.83 -3.99
C ALA A 136 5.80 -4.90 -4.41
N ASN A 137 5.10 -4.67 -5.52
CA ASN A 137 4.33 -5.74 -6.15
C ASN A 137 5.25 -6.56 -7.04
N ILE A 138 5.21 -7.88 -6.86
CA ILE A 138 6.17 -8.79 -7.49
C ILE A 138 5.39 -9.82 -8.29
N HIS A 139 5.76 -9.99 -9.56
CA HIS A 139 5.21 -11.05 -10.40
C HIS A 139 6.19 -12.22 -10.35
N ILE A 140 5.73 -13.38 -9.89
CA ILE A 140 6.56 -14.57 -9.78
C ILE A 140 5.80 -15.71 -10.47
N TYR A 141 6.32 -16.16 -11.62
CA TYR A 141 5.63 -17.08 -12.51
C TYR A 141 4.21 -16.59 -12.82
N ASP A 142 3.17 -17.32 -12.40
CA ASP A 142 1.81 -16.94 -12.76
C ASP A 142 1.09 -16.20 -11.65
N THR A 143 1.83 -15.67 -10.67
CA THR A 143 1.23 -15.06 -9.51
C THR A 143 1.79 -13.65 -9.30
N GLU A 144 0.92 -12.71 -8.99
CA GLU A 144 1.31 -11.38 -8.55
C GLU A 144 1.03 -11.27 -7.06
N LYS A 145 2.03 -10.87 -6.28
CA LYS A 145 1.93 -10.79 -4.82
C LYS A 145 2.45 -9.43 -4.37
N LYS A 146 1.73 -8.81 -3.44
CA LYS A 146 2.31 -7.68 -2.72
C LYS A 146 3.39 -8.21 -1.78
N MET A 147 4.61 -7.71 -1.93
CA MET A 147 5.73 -8.18 -1.12
C MET A 147 6.46 -6.97 -0.54
N VAL A 148 7.56 -7.23 0.17
CA VAL A 148 8.55 -6.19 0.46
C VAL A 148 9.88 -6.63 -0.14
N GLU A 149 10.71 -5.65 -0.45
CA GLU A 149 12.12 -5.85 -0.80
C GLU A 149 12.95 -5.51 0.43
N ILE A 150 13.82 -6.44 0.83
CA ILE A 150 14.70 -6.24 1.98
C ILE A 150 16.06 -5.81 1.48
N ASN A 151 16.65 -4.82 2.14
CA ASN A 151 17.93 -4.29 1.70
C ASN A 151 18.68 -3.73 2.91
N PHE A 152 19.99 -3.58 2.74
CA PHE A 152 20.85 -2.83 3.66
C PHE A 152 20.98 -3.49 5.02
N LEU A 153 20.94 -4.82 5.05
CA LEU A 153 21.22 -5.55 6.28
C LEU A 153 22.68 -5.30 6.66
N CYS A 154 22.89 -4.69 7.82
CA CYS A 154 24.22 -4.26 8.20
C CYS A 154 24.40 -4.32 9.72
N VAL A 155 25.46 -4.99 10.17
CA VAL A 155 25.81 -5.04 11.59
C VAL A 155 27.22 -4.48 11.72
N HIS A 156 27.41 -3.54 12.66
CA HIS A 156 28.71 -2.94 12.92
C HIS A 156 29.78 -4.02 13.06
N LYS A 157 30.98 -3.74 12.52
CA LYS A 157 32.07 -4.70 12.58
C LYS A 157 32.39 -5.13 14.00
N LYS A 158 32.15 -4.27 15.00
CA LYS A 158 32.41 -4.62 16.39
C LYS A 158 31.32 -5.47 17.02
N LEU A 159 30.18 -5.64 16.33
N LEU A 159 30.18 -5.63 16.34
CA LEU A 159 29.06 -6.41 16.84
CA LEU A 159 29.06 -6.43 16.85
C LEU A 159 28.84 -7.70 16.05
C LEU A 159 28.88 -7.73 16.09
N ARG A 160 29.79 -8.08 15.19
CA ARG A 160 29.60 -9.24 14.33
C ARG A 160 29.68 -10.54 15.12
N SER A 161 29.10 -11.59 14.54
CA SER A 161 29.12 -12.96 15.09
C SER A 161 28.50 -13.03 16.49
N LYS A 162 27.49 -12.21 16.76
CA LYS A 162 26.81 -12.20 18.05
C LYS A 162 25.30 -12.37 17.90
N ARG A 163 24.88 -13.02 16.82
CA ARG A 163 23.47 -13.34 16.55
C ARG A 163 22.60 -12.11 16.37
N VAL A 164 23.17 -10.95 16.05
CA VAL A 164 22.32 -9.79 15.85
C VAL A 164 21.62 -9.83 14.50
N ALA A 165 22.26 -10.37 13.46
CA ALA A 165 21.61 -10.41 12.16
C ALA A 165 20.30 -11.22 12.18
N PRO A 166 20.24 -12.40 12.81
CA PRO A 166 18.94 -13.08 12.89
C PRO A 166 17.88 -12.28 13.63
N VAL A 167 18.27 -11.50 14.64
CA VAL A 167 17.28 -10.69 15.34
C VAL A 167 16.79 -9.57 14.43
N LEU A 168 17.70 -8.95 13.68
CA LEU A 168 17.26 -7.93 12.73
C LEU A 168 16.27 -8.51 11.73
N ILE A 169 16.54 -9.73 11.24
CA ILE A 169 15.65 -10.32 10.24
C ILE A 169 14.30 -10.64 10.85
N ARG A 170 14.28 -11.21 12.05
N ARG A 170 14.27 -11.23 12.06
CA ARG A 170 12.99 -11.52 12.69
CA ARG A 170 12.99 -11.51 12.69
C ARG A 170 12.20 -10.25 12.97
C ARG A 170 12.20 -10.24 12.95
N GLU A 171 12.86 -9.18 13.39
CA GLU A 171 12.14 -7.96 13.73
C GLU A 171 11.54 -7.29 12.49
N ILE A 172 12.29 -7.24 11.37
CA ILE A 172 11.69 -6.64 10.18
C ILE A 172 10.57 -7.54 9.67
N THR A 173 10.73 -8.87 9.83
CA THR A 173 9.64 -9.77 9.48
C THR A 173 8.38 -9.40 10.26
N ARG A 174 8.51 -9.28 11.59
CA ARG A 174 7.38 -8.91 12.44
C ARG A 174 6.73 -7.61 11.99
N ARG A 175 7.55 -6.60 11.72
CA ARG A 175 7.02 -5.28 11.38
C ARG A 175 6.34 -5.28 10.02
N VAL A 176 6.81 -6.12 9.08
CA VAL A 176 6.13 -6.28 7.80
C VAL A 176 4.83 -7.07 7.98
N HIS A 177 4.86 -8.11 8.83
CA HIS A 177 3.64 -8.88 9.08
C HIS A 177 2.53 -7.98 9.62
N LEU A 178 2.89 -7.01 10.49
CA LEU A 178 1.88 -6.13 11.07
C LEU A 178 1.10 -5.37 10.02
N GLU A 179 1.70 -5.13 8.85
CA GLU A 179 1.07 -4.40 7.77
C GLU A 179 0.39 -5.31 6.77
N GLY A 180 0.28 -6.60 7.09
CA GLY A 180 -0.46 -7.53 6.27
C GLY A 180 0.28 -8.12 5.09
N ILE A 181 1.61 -8.10 5.11
CA ILE A 181 2.42 -8.61 4.01
C ILE A 181 3.22 -9.81 4.52
N PHE A 182 3.21 -10.90 3.74
CA PHE A 182 3.76 -12.17 4.22
C PHE A 182 4.78 -12.79 3.27
N GLN A 183 5.25 -12.05 2.26
CA GLN A 183 6.28 -12.50 1.35
C GLN A 183 7.31 -11.39 1.16
N ALA A 184 8.54 -11.79 0.85
CA ALA A 184 9.60 -10.82 0.58
C ALA A 184 10.51 -11.34 -0.52
N VAL A 185 11.19 -10.40 -1.19
CA VAL A 185 12.24 -10.72 -2.13
C VAL A 185 13.51 -10.01 -1.66
N TYR A 186 14.66 -10.64 -1.91
CA TYR A 186 15.93 -10.05 -1.50
C TYR A 186 17.05 -10.73 -2.25
N THR A 187 18.22 -10.10 -2.26
CA THR A 187 19.40 -10.68 -2.88
C THR A 187 20.49 -10.82 -1.83
N ALA A 188 21.51 -11.61 -2.15
CA ALA A 188 22.68 -11.74 -1.28
C ALA A 188 23.83 -12.30 -2.09
N GLY A 189 25.03 -11.88 -1.72
CA GLY A 189 26.23 -12.44 -2.27
C GLY A 189 26.61 -13.80 -1.72
N VAL A 190 25.93 -14.26 -0.68
CA VAL A 190 26.20 -15.57 -0.10
C VAL A 190 25.05 -16.51 -0.41
N VAL A 191 25.33 -17.80 -0.31
CA VAL A 191 24.32 -18.84 -0.57
C VAL A 191 23.60 -19.17 0.74
N LEU A 192 22.28 -19.08 0.71
CA LEU A 192 21.40 -19.43 1.81
C LEU A 192 20.31 -20.33 1.27
N PRO A 193 19.54 -20.98 2.14
CA PRO A 193 18.30 -21.62 1.67
C PRO A 193 17.29 -20.53 1.31
N LYS A 194 16.80 -20.52 0.07
CA LYS A 194 17.29 -21.26 -1.10
C LYS A 194 17.12 -20.34 -2.34
N PRO A 195 18.18 -20.17 -3.12
CA PRO A 195 18.09 -19.24 -4.27
C PRO A 195 16.99 -19.64 -5.22
N VAL A 196 16.18 -18.66 -5.61
CA VAL A 196 15.28 -18.88 -6.73
C VAL A 196 16.00 -18.65 -8.04
N GLY A 197 17.14 -17.95 -8.02
CA GLY A 197 17.93 -17.76 -9.22
C GLY A 197 19.31 -17.26 -8.82
N THR A 198 20.30 -17.61 -9.62
CA THR A 198 21.68 -17.23 -9.35
C THR A 198 22.20 -16.44 -10.53
N CYS A 199 22.62 -15.20 -10.27
CA CYS A 199 23.16 -14.32 -11.29
C CYS A 199 24.61 -14.01 -10.97
N ARG A 200 25.32 -13.54 -11.98
CA ARG A 200 26.73 -13.23 -11.89
C ARG A 200 26.97 -11.82 -12.39
N TYR A 201 27.75 -11.03 -11.65
CA TYR A 201 28.16 -9.72 -12.15
C TYR A 201 29.26 -9.84 -13.20
N TRP A 202 29.16 -9.00 -14.22
CA TRP A 202 30.17 -8.73 -15.23
C TRP A 202 30.51 -7.25 -15.20
N HIS A 203 31.70 -6.91 -15.70
CA HIS A 203 32.28 -5.58 -15.55
C HIS A 203 32.87 -5.10 -16.86
N ARG A 204 32.52 -3.88 -17.26
CA ARG A 204 33.04 -3.26 -18.49
C ARG A 204 33.96 -2.09 -18.09
N SER A 205 35.26 -2.27 -18.29
CA SER A 205 36.19 -1.20 -17.95
C SER A 205 35.91 0.04 -18.79
N LEU A 206 35.85 1.19 -18.13
CA LEU A 206 35.72 2.47 -18.80
C LEU A 206 36.97 3.32 -18.67
N ASN A 207 37.57 3.33 -17.48
CA ASN A 207 38.85 3.96 -17.22
C ASN A 207 39.82 2.86 -16.81
N PRO A 208 40.36 2.09 -17.77
CA PRO A 208 41.17 0.92 -17.41
C PRO A 208 42.42 1.25 -16.62
N ARG A 209 43.06 2.38 -16.93
CA ARG A 209 44.23 2.83 -16.18
C ARG A 209 43.98 2.82 -14.68
N LYS A 210 42.90 3.49 -14.25
CA LYS A 210 42.63 3.59 -12.82
C LYS A 210 42.19 2.25 -12.23
N LEU A 211 41.45 1.46 -13.00
CA LEU A 211 41.00 0.16 -12.50
C LEU A 211 42.18 -0.77 -12.21
N ILE A 212 43.19 -0.76 -13.08
CA ILE A 212 44.38 -1.56 -12.84
C ILE A 212 45.19 -0.97 -11.68
N GLU A 213 45.26 0.35 -11.61
CA GLU A 213 45.99 1.04 -10.55
C GLU A 213 45.52 0.61 -9.17
N VAL A 214 44.20 0.63 -8.92
CA VAL A 214 43.65 0.33 -7.61
C VAL A 214 43.34 -1.16 -7.48
N LYS A 215 43.72 -1.94 -8.50
CA LYS A 215 43.65 -3.41 -8.48
C LYS A 215 42.21 -3.92 -8.49
N PHE A 216 41.28 -3.12 -9.02
CA PHE A 216 39.95 -3.65 -9.37
C PHE A 216 40.06 -4.68 -10.48
N SER A 217 40.94 -4.46 -11.42
CA SER A 217 41.20 -5.40 -12.50
C SER A 217 42.70 -5.56 -12.62
N HIS A 218 43.11 -6.48 -13.49
N HIS A 218 43.12 -6.49 -13.48
CA HIS A 218 44.52 -6.79 -13.68
CA HIS A 218 44.53 -6.78 -13.67
C HIS A 218 44.86 -6.75 -15.16
C HIS A 218 44.86 -6.77 -15.15
N LEU A 219 46.07 -6.31 -15.46
CA LEU A 219 46.56 -6.35 -16.83
C LEU A 219 46.64 -7.80 -17.30
N SER A 220 46.21 -8.05 -18.54
CA SER A 220 46.19 -9.41 -19.05
C SER A 220 47.57 -10.06 -19.09
N ARG A 221 48.63 -9.33 -18.74
CA ARG A 221 50.00 -9.84 -18.56
C ARG A 221 50.67 -10.18 -19.89
N ASN A 222 49.91 -10.75 -20.82
CA ASN A 222 50.36 -10.77 -22.22
C ASN A 222 50.04 -9.47 -22.94
N MET A 223 49.23 -8.61 -22.32
CA MET A 223 48.85 -7.33 -22.87
C MET A 223 49.49 -6.19 -22.09
N THR A 224 49.89 -5.14 -22.80
CA THR A 224 50.43 -3.95 -22.14
C THR A 224 49.31 -2.97 -21.80
N MET A 225 49.68 -1.94 -21.03
CA MET A 225 48.72 -0.89 -20.68
C MET A 225 48.25 -0.15 -21.93
N GLN A 226 49.17 0.12 -22.86
CA GLN A 226 48.80 0.82 -24.09
C GLN A 226 47.78 0.02 -24.88
N ARG A 227 47.98 -1.30 -24.98
CA ARG A 227 47.05 -2.12 -25.73
C ARG A 227 45.70 -2.22 -25.00
N THR A 228 45.72 -2.19 -23.67
CA THR A 228 44.49 -2.27 -22.90
C THR A 228 43.62 -1.03 -23.08
N MET A 229 44.25 0.15 -22.99
CA MET A 229 43.50 1.40 -23.21
C MET A 229 42.94 1.45 -24.63
N LYS A 230 43.69 0.95 -25.61
CA LYS A 230 43.15 0.88 -26.96
C LYS A 230 41.96 -0.07 -27.03
N LEU A 231 42.08 -1.24 -26.40
CA LEU A 231 41.02 -2.24 -26.45
C LEU A 231 39.69 -1.66 -25.95
N TYR A 232 39.73 -0.91 -24.85
CA TYR A 232 38.52 -0.49 -24.15
C TYR A 232 38.03 0.89 -24.57
N ARG A 233 38.72 1.57 -25.49
CA ARG A 233 38.30 2.94 -25.80
C ARG A 233 36.93 2.94 -26.45
N LEU A 234 36.20 4.02 -26.24
CA LEU A 234 34.82 4.17 -26.65
C LEU A 234 34.67 5.45 -27.47
N PRO A 235 33.64 5.53 -28.31
CA PRO A 235 33.33 6.80 -28.98
C PRO A 235 33.07 7.91 -27.98
N GLU A 236 33.18 9.15 -28.48
CA GLU A 236 32.92 10.33 -27.65
C GLU A 236 31.43 10.64 -27.47
N THR A 237 30.58 10.18 -28.37
CA THR A 237 29.15 10.47 -28.29
C THR A 237 28.36 9.24 -28.70
N PRO A 238 27.14 9.08 -28.20
CA PRO A 238 26.36 7.90 -28.54
C PRO A 238 25.93 7.92 -29.99
N LYS A 239 25.62 6.75 -30.53
CA LYS A 239 25.28 6.66 -31.94
C LYS A 239 23.80 6.53 -32.23
N THR A 240 22.97 6.19 -31.24
CA THR A 240 21.56 5.95 -31.51
C THR A 240 20.85 7.27 -31.75
N ALA A 241 20.13 7.32 -32.88
CA ALA A 241 19.31 8.45 -33.27
C ALA A 241 18.22 8.73 -32.26
N GLY A 242 18.13 9.98 -31.80
CA GLY A 242 17.00 10.37 -31.00
C GLY A 242 17.18 10.11 -29.52
N LEU A 243 18.38 9.75 -29.08
CA LEU A 243 18.64 9.49 -27.67
C LEU A 243 18.68 10.81 -26.90
N ARG A 244 18.01 10.86 -25.76
CA ARG A 244 17.97 12.06 -24.94
C ARG A 244 17.58 11.66 -23.53
N PRO A 245 17.84 12.51 -22.54
CA PRO A 245 17.42 12.20 -21.17
C PRO A 245 15.91 12.07 -21.05
N MET A 246 15.48 11.17 -20.17
CA MET A 246 14.07 11.05 -19.83
C MET A 246 13.57 12.35 -19.21
N GLU A 247 12.36 12.76 -19.58
CA GLU A 247 11.70 13.93 -19.05
C GLU A 247 10.36 13.52 -18.48
N THR A 248 9.71 14.48 -17.81
CA THR A 248 8.42 14.20 -17.18
C THR A 248 7.42 13.65 -18.19
N LYS A 249 7.43 14.17 -19.42
CA LYS A 249 6.43 13.77 -20.40
C LYS A 249 6.59 12.32 -20.84
N ASP A 250 7.74 11.71 -20.56
CA ASP A 250 8.01 10.32 -20.93
C ASP A 250 7.55 9.31 -19.87
N ILE A 251 7.14 9.75 -18.69
CA ILE A 251 6.78 8.80 -17.65
C ILE A 251 5.75 7.77 -18.13
N PRO A 252 4.62 8.14 -18.75
CA PRO A 252 3.67 7.10 -19.19
C PRO A 252 4.24 6.11 -20.17
N VAL A 253 5.00 6.57 -21.18
CA VAL A 253 5.46 5.63 -22.19
C VAL A 253 6.58 4.76 -21.63
N VAL A 254 7.42 5.31 -20.75
CA VAL A 254 8.43 4.47 -20.08
C VAL A 254 7.72 3.39 -19.26
N HIS A 255 6.66 3.77 -18.56
CA HIS A 255 5.86 2.77 -17.82
C HIS A 255 5.29 1.72 -18.76
N GLN A 256 4.75 2.15 -19.89
CA GLN A 256 4.14 1.22 -20.82
C GLN A 256 5.19 0.31 -21.46
N LEU A 257 6.34 0.87 -21.83
CA LEU A 257 7.41 0.07 -22.43
C LEU A 257 7.92 -1.00 -21.45
N LEU A 258 8.17 -0.60 -20.20
CA LEU A 258 8.69 -1.52 -19.20
C LEU A 258 7.70 -2.65 -18.90
N THR A 259 6.43 -2.31 -18.73
CA THR A 259 5.43 -3.31 -18.37
C THR A 259 5.37 -4.41 -19.41
N ARG A 260 5.35 -4.03 -20.69
CA ARG A 260 5.22 -5.03 -21.75
C ARG A 260 6.50 -5.84 -21.88
N TYR A 261 7.66 -5.17 -21.73
CA TYR A 261 8.94 -5.84 -21.86
C TYR A 261 9.17 -6.88 -20.76
N LEU A 262 8.68 -6.61 -19.54
CA LEU A 262 8.97 -7.49 -18.42
C LEU A 262 8.12 -8.76 -18.42
N LYS A 263 7.08 -8.80 -19.25
CA LYS A 263 6.20 -9.97 -19.27
C LYS A 263 6.95 -11.23 -19.65
N GLN A 264 8.06 -11.12 -20.35
CA GLN A 264 8.78 -12.31 -20.81
C GLN A 264 9.61 -12.98 -19.72
N PHE A 265 9.78 -12.36 -18.56
CA PHE A 265 10.58 -12.95 -17.50
C PHE A 265 9.68 -13.53 -16.41
N HIS A 266 10.29 -14.29 -15.50
CA HIS A 266 9.52 -15.04 -14.50
C HIS A 266 9.56 -14.43 -13.11
N LEU A 267 10.46 -13.48 -12.84
CA LEU A 267 10.50 -12.75 -11.58
C LEU A 267 10.69 -11.27 -11.92
N THR A 268 9.68 -10.43 -11.69
CA THR A 268 9.73 -9.05 -12.16
C THR A 268 9.00 -8.15 -11.18
N PRO A 269 9.34 -6.87 -11.15
CA PRO A 269 8.48 -5.89 -10.46
C PRO A 269 7.24 -5.55 -11.29
N VAL A 270 6.16 -5.22 -10.60
CA VAL A 270 4.96 -4.68 -11.23
C VAL A 270 4.82 -3.25 -10.71
N MET A 271 5.20 -2.27 -11.52
CA MET A 271 5.29 -0.89 -11.06
C MET A 271 4.06 -0.10 -11.48
N SER A 272 3.55 0.71 -10.57
CA SER A 272 2.61 1.77 -10.94
C SER A 272 3.34 2.87 -11.71
N GLN A 273 2.56 3.79 -12.28
CA GLN A 273 3.17 4.92 -12.99
C GLN A 273 3.94 5.82 -12.01
N GLU A 274 3.45 5.95 -10.77
CA GLU A 274 4.18 6.72 -9.77
C GLU A 274 5.49 6.04 -9.38
N GLU A 275 5.48 4.70 -9.31
CA GLU A 275 6.72 3.99 -9.04
C GLU A 275 7.70 4.14 -10.20
N VAL A 276 7.19 4.14 -11.43
CA VAL A 276 8.07 4.34 -12.58
C VAL A 276 8.74 5.72 -12.49
N GLU A 277 7.96 6.75 -12.15
CA GLU A 277 8.56 8.07 -11.96
C GLU A 277 9.66 8.03 -10.90
N HIS A 278 9.41 7.36 -9.77
CA HIS A 278 10.42 7.33 -8.72
C HIS A 278 11.69 6.62 -9.18
N TRP A 279 11.55 5.43 -9.75
CA TRP A 279 12.75 4.63 -10.03
C TRP A 279 13.50 5.11 -11.26
N PHE A 280 12.87 5.87 -12.16
CA PHE A 280 13.53 6.17 -13.43
C PHE A 280 13.76 7.65 -13.71
N TYR A 281 13.00 8.55 -13.12
CA TYR A 281 13.19 9.97 -13.42
C TYR A 281 14.60 10.39 -13.02
N PRO A 282 15.37 11.01 -13.92
CA PRO A 282 16.80 11.22 -13.65
C PRO A 282 17.05 12.07 -12.41
N GLN A 283 18.03 11.63 -11.62
CA GLN A 283 18.54 12.37 -10.46
C GLN A 283 20.05 12.27 -10.50
N GLU A 284 20.72 13.42 -10.61
CA GLU A 284 22.17 13.42 -10.77
C GLU A 284 22.84 12.64 -9.65
N ASN A 285 23.81 11.80 -10.04
CA ASN A 285 24.60 10.97 -9.14
C ASN A 285 23.75 9.90 -8.44
N ILE A 286 22.55 9.64 -8.93
CA ILE A 286 21.71 8.56 -8.38
C ILE A 286 21.23 7.64 -9.47
N ILE A 287 20.43 8.16 -10.41
CA ILE A 287 19.79 7.35 -11.43
C ILE A 287 19.79 8.14 -12.72
N ASP A 288 20.21 7.49 -13.81
CA ASP A 288 20.19 8.06 -15.16
C ASP A 288 19.29 7.22 -16.04
N THR A 289 18.39 7.88 -16.78
CA THR A 289 17.55 7.22 -17.76
C THR A 289 17.58 8.03 -19.06
N PHE A 290 17.84 7.35 -20.15
CA PHE A 290 17.82 7.93 -21.49
C PHE A 290 16.80 7.19 -22.34
N VAL A 291 15.98 7.94 -23.08
CA VAL A 291 14.97 7.39 -23.96
C VAL A 291 15.42 7.63 -25.41
N VAL A 292 14.93 6.78 -26.30
CA VAL A 292 15.07 7.01 -27.74
C VAL A 292 13.73 7.49 -28.26
N GLU A 293 13.71 8.71 -28.77
CA GLU A 293 12.53 9.28 -29.41
C GLU A 293 12.83 9.35 -30.91
N ASN A 294 12.05 8.61 -31.71
CA ASN A 294 12.38 8.41 -33.12
C ASN A 294 11.88 9.59 -33.96
N ALA A 295 11.96 9.43 -35.28
CA ALA A 295 11.65 10.51 -36.22
C ALA A 295 10.18 10.85 -36.28
N ASN A 296 9.32 10.00 -35.72
CA ASN A 296 7.89 10.24 -35.58
C ASN A 296 7.51 10.85 -34.25
N GLY A 297 8.49 11.07 -33.37
CA GLY A 297 8.22 11.55 -32.03
C GLY A 297 7.86 10.46 -31.03
N GLU A 298 7.94 9.19 -31.41
CA GLU A 298 7.55 8.09 -30.55
C GLU A 298 8.75 7.62 -29.74
N VAL A 299 8.58 7.45 -28.43
CA VAL A 299 9.61 6.84 -27.58
C VAL A 299 9.50 5.32 -27.71
N THR A 300 10.59 4.70 -28.16
CA THR A 300 10.60 3.29 -28.50
C THR A 300 11.54 2.44 -27.65
N ASP A 301 12.48 3.05 -26.94
CA ASP A 301 13.46 2.32 -26.16
C ASP A 301 13.89 3.17 -24.99
N PHE A 302 14.49 2.55 -23.97
CA PHE A 302 15.18 3.34 -22.96
C PHE A 302 16.24 2.50 -22.27
N LEU A 303 17.23 3.19 -21.72
CA LEU A 303 18.32 2.58 -20.96
C LEU A 303 18.42 3.30 -19.64
N SER A 304 18.90 2.60 -18.61
CA SER A 304 19.03 3.24 -17.31
C SER A 304 20.13 2.57 -16.52
N PHE A 305 20.80 3.37 -15.69
CA PHE A 305 21.81 2.85 -14.78
C PHE A 305 21.87 3.72 -13.53
N TYR A 306 22.17 3.11 -12.38
CA TYR A 306 22.31 3.86 -11.15
C TYR A 306 23.77 3.95 -10.72
N THR A 307 24.01 4.92 -9.85
CA THR A 307 25.33 5.37 -9.44
C THR A 307 25.65 4.79 -8.05
N LEU A 308 26.74 4.03 -7.95
CA LEU A 308 27.11 3.42 -6.67
C LEU A 308 28.62 3.37 -6.58
N PRO A 309 29.24 4.40 -6.01
CA PRO A 309 30.69 4.41 -5.84
C PRO A 309 31.13 3.55 -4.66
N SER A 310 32.43 3.28 -4.61
CA SER A 310 32.99 2.47 -3.53
C SER A 310 34.27 3.08 -2.99
N THR A 311 34.41 2.99 -1.66
CA THR A 311 35.64 3.38 -1.00
C THR A 311 36.75 2.42 -1.37
N ILE A 312 37.92 2.97 -1.68
CA ILE A 312 39.11 2.18 -1.90
C ILE A 312 39.81 2.05 -0.54
N MET A 313 39.78 0.84 0.02
CA MET A 313 40.05 0.68 1.45
C MET A 313 41.53 0.88 1.77
N ASN A 314 42.43 0.32 0.95
CA ASN A 314 43.84 0.32 1.30
C ASN A 314 44.47 1.71 1.18
N HIS A 315 44.38 2.30 -0.01
CA HIS A 315 44.88 3.66 -0.20
C HIS A 315 43.73 4.67 -0.21
N HIS A 318 42.05 8.33 -1.21
CA HIS A 318 41.93 8.60 -2.64
C HIS A 318 40.47 8.76 -3.05
N LYS A 319 40.27 9.03 -4.34
CA LYS A 319 38.93 9.12 -4.89
C LYS A 319 38.24 7.75 -4.84
N SER A 320 36.92 7.77 -4.68
CA SER A 320 36.16 6.53 -4.74
C SER A 320 36.21 5.92 -6.13
N LEU A 321 36.07 4.60 -6.18
CA LEU A 321 35.84 3.89 -7.42
C LEU A 321 34.41 4.16 -7.89
N LYS A 322 34.25 4.85 -9.01
CA LYS A 322 32.94 5.30 -9.47
C LYS A 322 32.36 4.27 -10.42
N ALA A 323 31.27 3.61 -10.00
CA ALA A 323 30.69 2.52 -10.76
C ALA A 323 29.25 2.84 -11.15
N ALA A 324 28.89 2.47 -12.39
CA ALA A 324 27.51 2.54 -12.85
C ALA A 324 26.96 1.13 -12.93
N TYR A 325 25.72 0.94 -12.49
CA TYR A 325 25.08 -0.37 -12.49
C TYR A 325 23.92 -0.38 -13.46
N SER A 326 23.94 -1.32 -14.39
CA SER A 326 22.82 -1.49 -15.31
C SER A 326 21.53 -1.70 -14.51
N PHE A 327 20.47 -0.98 -14.89
CA PHE A 327 19.22 -1.03 -14.16
C PHE A 327 18.22 -1.76 -15.05
N TYR A 328 17.31 -1.07 -15.73
CA TYR A 328 16.39 -1.71 -16.68
C TYR A 328 16.61 -1.12 -18.06
N ASN A 329 16.75 -1.99 -19.06
CA ASN A 329 17.00 -1.58 -20.43
C ASN A 329 15.96 -2.24 -21.31
N VAL A 330 15.14 -1.42 -21.96
CA VAL A 330 13.99 -1.89 -22.74
C VAL A 330 14.24 -1.50 -24.19
N HIS A 331 14.15 -2.47 -25.08
CA HIS A 331 14.33 -2.23 -26.51
C HIS A 331 13.11 -2.75 -27.25
N THR A 332 12.56 -1.91 -28.14
CA THR A 332 11.57 -2.37 -29.12
C THR A 332 11.92 -1.98 -30.55
N GLN A 333 12.75 -0.97 -30.76
N GLN A 333 12.76 -0.98 -30.76
CA GLN A 333 13.17 -0.49 -32.08
CA GLN A 333 13.20 -0.60 -32.11
C GLN A 333 14.67 -0.46 -32.24
C GLN A 333 14.71 -0.50 -32.24
N THR A 334 15.39 0.00 -31.23
CA THR A 334 16.85 0.02 -31.24
C THR A 334 17.36 -1.36 -30.81
N PRO A 335 18.33 -1.94 -31.52
CA PRO A 335 18.93 -3.19 -31.07
C PRO A 335 19.53 -3.04 -29.68
N LEU A 336 19.25 -4.02 -28.82
CA LEU A 336 19.78 -4.01 -27.45
C LEU A 336 21.29 -3.80 -27.44
N LEU A 337 22.00 -4.42 -28.39
CA LEU A 337 23.45 -4.23 -28.45
C LEU A 337 23.81 -2.76 -28.66
N ASP A 338 23.06 -2.05 -29.52
CA ASP A 338 23.29 -0.63 -29.74
C ASP A 338 22.92 0.19 -28.51
N LEU A 339 21.77 -0.12 -27.91
CA LEU A 339 21.36 0.60 -26.71
C LEU A 339 22.42 0.52 -25.62
N MET A 340 23.00 -0.66 -25.41
CA MET A 340 23.99 -0.81 -24.35
C MET A 340 25.33 -0.21 -24.74
N SER A 341 25.70 -0.25 -26.02
CA SER A 341 26.87 0.50 -26.46
C SER A 341 26.73 1.97 -26.07
N ASP A 342 25.53 2.52 -26.24
CA ASP A 342 25.33 3.93 -25.89
C ASP A 342 25.31 4.14 -24.38
N ALA A 343 24.81 3.15 -23.63
CA ALA A 343 24.91 3.23 -22.18
C ALA A 343 26.36 3.32 -21.73
N LEU A 344 27.24 2.50 -22.33
CA LEU A 344 28.67 2.55 -21.98
C LEU A 344 29.27 3.92 -22.28
N VAL A 345 28.96 4.47 -23.47
CA VAL A 345 29.52 5.76 -23.86
C VAL A 345 29.03 6.86 -22.93
N LEU A 346 27.73 6.84 -22.58
CA LEU A 346 27.20 7.83 -21.65
C LEU A 346 27.84 7.72 -20.26
N ALA A 347 28.03 6.49 -19.78
CA ALA A 347 28.69 6.30 -18.49
C ALA A 347 30.13 6.82 -18.52
N LYS A 348 30.87 6.50 -19.58
CA LYS A 348 32.20 7.09 -19.77
C LYS A 348 32.13 8.61 -19.74
N MET A 349 31.20 9.19 -20.50
CA MET A 349 31.04 10.64 -20.53
C MET A 349 30.81 11.22 -19.15
N LYS A 350 30.06 10.51 -18.30
CA LYS A 350 29.72 11.06 -17.00
C LYS A 350 30.80 10.82 -15.96
N GLY A 351 31.91 10.20 -16.34
CA GLY A 351 33.03 10.03 -15.44
C GLY A 351 33.10 8.72 -14.67
N PHE A 352 32.28 7.73 -15.02
CA PHE A 352 32.38 6.44 -14.33
C PHE A 352 33.63 5.69 -14.75
N ASP A 353 34.17 4.89 -13.83
CA ASP A 353 35.36 4.09 -14.08
C ASP A 353 35.02 2.71 -14.63
N VAL A 354 33.86 2.17 -14.29
CA VAL A 354 33.46 0.81 -14.66
C VAL A 354 31.94 0.80 -14.77
N PHE A 355 31.44 -0.08 -15.65
CA PHE A 355 30.00 -0.26 -15.85
C PHE A 355 29.68 -1.71 -15.57
N ASN A 356 28.81 -1.93 -14.58
CA ASN A 356 28.50 -3.26 -14.09
C ASN A 356 27.14 -3.71 -14.58
N ALA A 357 27.03 -5.00 -14.88
CA ALA A 357 25.78 -5.58 -15.32
C ALA A 357 25.73 -7.03 -14.89
N LEU A 358 24.55 -7.48 -14.48
CA LEU A 358 24.32 -8.88 -14.20
C LEU A 358 24.01 -9.63 -15.50
N ASP A 359 24.05 -10.96 -15.43
CA ASP A 359 23.70 -11.78 -16.59
C ASP A 359 22.21 -12.12 -16.62
N LEU A 360 21.36 -11.32 -15.99
CA LEU A 360 19.93 -11.61 -16.01
C LEU A 360 19.28 -10.98 -17.24
N MET A 361 17.97 -11.16 -17.35
CA MET A 361 17.17 -10.70 -18.51
C MET A 361 17.90 -11.14 -19.79
N GLU A 362 18.07 -10.25 -20.78
CA GLU A 362 18.76 -10.61 -22.01
C GLU A 362 20.21 -10.17 -22.02
N ASN A 363 20.81 -9.92 -20.86
CA ASN A 363 22.12 -9.30 -20.83
C ASN A 363 23.19 -10.19 -21.42
N LYS A 364 23.04 -11.52 -21.32
CA LYS A 364 24.00 -12.43 -21.92
C LYS A 364 24.16 -12.22 -23.42
N THR A 365 23.18 -11.59 -24.07
CA THR A 365 23.30 -11.38 -25.52
C THR A 365 24.29 -10.28 -25.87
N PHE A 366 24.68 -9.44 -24.92
CA PHE A 366 25.63 -8.37 -25.22
C PHE A 366 26.89 -8.35 -24.37
N LEU A 367 26.94 -9.10 -23.25
CA LEU A 367 28.05 -8.90 -22.31
C LEU A 367 29.40 -9.13 -22.99
N GLU A 368 29.59 -10.30 -23.60
CA GLU A 368 30.88 -10.60 -24.23
C GLU A 368 31.13 -9.71 -25.43
N LYS A 369 30.10 -9.50 -26.26
CA LYS A 369 30.29 -8.69 -27.46
C LYS A 369 30.74 -7.28 -27.13
N LEU A 370 30.27 -6.71 -26.01
CA LEU A 370 30.64 -5.36 -25.64
C LEU A 370 31.83 -5.31 -24.68
N LYS A 371 32.55 -6.43 -24.58
CA LYS A 371 33.84 -6.52 -23.88
C LYS A 371 33.70 -6.41 -22.37
N PHE A 372 32.55 -6.83 -21.84
CA PHE A 372 32.46 -7.09 -20.41
C PHE A 372 33.35 -8.27 -20.05
N GLY A 373 33.94 -8.23 -18.85
CA GLY A 373 34.67 -9.34 -18.29
C GLY A 373 33.92 -9.90 -17.10
N ILE A 374 33.98 -11.22 -16.91
CA ILE A 374 33.18 -11.83 -15.86
C ILE A 374 33.77 -11.48 -14.50
N GLY A 375 32.87 -11.29 -13.51
CA GLY A 375 33.28 -10.91 -12.19
C GLY A 375 33.47 -12.11 -11.26
N ASP A 376 33.94 -11.82 -10.06
CA ASP A 376 34.14 -12.85 -9.06
C ASP A 376 32.98 -12.99 -8.09
N GLY A 377 31.94 -12.17 -8.26
CA GLY A 377 30.82 -12.22 -7.33
C GLY A 377 29.49 -12.63 -7.94
N ASN A 378 28.87 -13.65 -7.34
CA ASN A 378 27.52 -14.07 -7.67
C ASN A 378 26.52 -13.23 -6.87
N LEU A 379 25.34 -13.05 -7.45
CA LEU A 379 24.23 -12.41 -6.75
C LEU A 379 23.06 -13.39 -6.76
N GLN A 380 22.75 -13.93 -5.58
CA GLN A 380 21.65 -14.86 -5.42
C GLN A 380 20.36 -14.10 -5.18
N TYR A 381 19.28 -14.55 -5.78
CA TYR A 381 17.94 -14.00 -5.56
C TYR A 381 17.15 -14.98 -4.70
N TYR A 382 16.36 -14.42 -3.78
CA TYR A 382 15.62 -15.20 -2.80
C TYR A 382 14.21 -14.66 -2.64
N LEU A 383 13.29 -15.58 -2.38
CA LEU A 383 11.95 -15.26 -1.90
C LEU A 383 11.75 -15.85 -0.51
N TYR A 384 11.04 -15.10 0.34
CA TYR A 384 10.71 -15.52 1.68
C TYR A 384 9.23 -15.93 1.71
N ASN A 385 8.95 -17.13 2.25
CA ASN A 385 7.59 -17.67 2.36
C ASN A 385 6.92 -17.81 0.99
N TRP A 386 7.70 -18.13 -0.04
CA TRP A 386 7.15 -18.46 -1.36
C TRP A 386 8.00 -19.57 -1.97
N LYS A 387 7.40 -20.73 -2.14
CA LYS A 387 8.10 -21.92 -2.56
C LYS A 387 7.74 -22.15 -4.02
N CYS A 388 8.73 -22.04 -4.91
CA CYS A 388 8.49 -22.17 -6.35
C CYS A 388 9.74 -22.75 -6.98
N PRO A 389 9.66 -23.21 -8.22
CA PRO A 389 10.86 -23.72 -8.90
C PRO A 389 11.90 -22.64 -9.11
N SER A 390 13.17 -23.04 -9.10
CA SER A 390 14.21 -22.08 -9.44
C SER A 390 14.18 -21.77 -10.94
N MET A 391 14.90 -20.73 -11.34
CA MET A 391 14.92 -20.31 -12.74
C MET A 391 16.34 -19.91 -13.12
N GLY A 392 16.61 -19.92 -14.44
CA GLY A 392 17.89 -19.45 -14.93
C GLY A 392 17.99 -17.94 -14.85
N ALA A 393 19.23 -17.45 -14.86
CA ALA A 393 19.46 -16.00 -14.74
C ALA A 393 18.69 -15.21 -15.80
N GLU A 394 18.57 -15.76 -17.01
CA GLU A 394 17.92 -15.04 -18.09
C GLU A 394 16.42 -14.87 -17.88
N LYS A 395 15.83 -15.57 -16.92
CA LYS A 395 14.43 -15.37 -16.59
C LYS A 395 14.23 -14.42 -15.41
N VAL A 396 15.29 -14.04 -14.72
CA VAL A 396 15.19 -13.04 -13.66
C VAL A 396 15.06 -11.67 -14.29
N GLY A 397 14.02 -10.94 -13.94
CA GLY A 397 13.75 -9.62 -14.48
C GLY A 397 13.56 -8.58 -13.39
N LEU A 398 14.41 -8.65 -12.36
CA LEU A 398 14.29 -7.80 -11.20
C LEU A 398 15.69 -7.30 -10.83
N VAL A 399 15.84 -5.99 -10.71
CA VAL A 399 17.11 -5.38 -10.33
C VAL A 399 16.87 -4.50 -9.11
N LEU A 400 17.60 -4.81 -8.03
CA LEU A 400 17.56 -4.05 -6.78
C LEU A 400 18.77 -3.12 -6.70
N GLN A 401 18.89 -2.40 -5.58
CA GLN A 401 19.99 -1.43 -5.39
C GLN A 401 21.06 -1.95 -4.45
N ALA B 11 -32.13 9.27 -8.46
CA ALA B 11 -33.14 8.21 -8.23
C ALA B 11 -32.87 7.37 -6.97
N LYS B 12 -33.88 7.28 -6.08
CA LYS B 12 -33.81 6.46 -4.88
C LYS B 12 -34.32 5.03 -5.09
N THR B 13 -35.20 4.83 -6.06
CA THR B 13 -35.82 3.54 -6.32
C THR B 13 -35.19 2.89 -7.54
N MET B 14 -35.24 1.55 -7.58
CA MET B 14 -34.97 0.87 -8.84
C MET B 14 -36.04 1.20 -9.88
N GLU B 15 -37.24 1.60 -9.42
CA GLU B 15 -38.28 2.04 -10.33
C GLU B 15 -37.91 3.35 -11.01
N GLU B 16 -37.61 4.38 -10.21
CA GLU B 16 -37.17 5.65 -10.79
C GLU B 16 -35.88 5.47 -11.60
N ALA B 17 -35.02 4.54 -11.18
CA ALA B 17 -33.71 4.39 -11.81
C ALA B 17 -33.81 3.79 -13.21
N SER B 18 -34.73 2.84 -13.40
CA SER B 18 -34.86 2.20 -14.69
C SER B 18 -35.44 3.12 -15.76
N LYS B 19 -36.00 4.27 -15.38
CA LYS B 19 -36.51 5.26 -16.30
C LYS B 19 -35.51 6.39 -16.57
N ARG B 20 -34.23 6.16 -16.28
CA ARG B 20 -33.19 7.16 -16.41
C ARG B 20 -32.20 6.78 -17.50
N SER B 21 -31.58 7.80 -18.07
CA SER B 21 -30.35 7.65 -18.85
C SER B 21 -29.20 8.17 -18.02
N TYR B 22 -28.13 7.39 -17.92
CA TYR B 22 -26.98 7.75 -17.09
C TYR B 22 -25.88 8.25 -18.01
N GLN B 23 -25.91 9.55 -18.32
CA GLN B 23 -24.96 10.10 -19.29
C GLN B 23 -23.52 9.92 -18.81
N PHE B 24 -23.27 10.09 -17.51
CA PHE B 24 -21.92 9.88 -17.00
C PHE B 24 -21.62 8.40 -16.79
N TRP B 25 -22.48 7.68 -16.07
CA TRP B 25 -22.14 6.31 -15.73
C TRP B 25 -22.10 5.39 -16.94
N ASP B 26 -22.79 5.74 -18.03
CA ASP B 26 -22.65 4.95 -19.25
C ASP B 26 -21.22 4.96 -19.79
N THR B 27 -20.43 5.98 -19.45
CA THR B 27 -19.08 6.07 -19.97
C THR B 27 -18.06 5.32 -19.13
N GLN B 28 -18.48 4.80 -17.95
CA GLN B 28 -17.61 4.24 -16.92
C GLN B 28 -17.58 2.73 -16.98
N PRO B 29 -16.49 2.09 -16.48
CA PRO B 29 -16.44 0.62 -16.53
C PRO B 29 -17.22 -0.02 -15.38
N VAL B 30 -18.54 0.08 -15.47
CA VAL B 30 -19.46 -0.59 -14.56
C VAL B 30 -20.54 -1.28 -15.37
N PRO B 31 -21.16 -2.33 -14.85
CA PRO B 31 -22.24 -2.99 -15.60
C PRO B 31 -23.43 -2.08 -15.76
N LYS B 32 -24.23 -2.38 -16.78
CA LYS B 32 -25.44 -1.62 -17.00
C LYS B 32 -26.54 -2.08 -16.03
N LEU B 33 -27.41 -1.14 -15.66
CA LEU B 33 -28.49 -1.43 -14.72
C LEU B 33 -29.33 -2.62 -15.19
N GLY B 34 -29.53 -2.75 -16.50
CA GLY B 34 -30.39 -3.79 -17.03
C GLY B 34 -29.81 -5.19 -17.04
N GLU B 35 -28.55 -5.33 -17.46
CA GLU B 35 -27.95 -6.65 -17.58
C GLU B 35 -27.89 -7.36 -16.23
N VAL B 36 -27.75 -8.68 -16.29
CA VAL B 36 -27.44 -9.51 -15.14
C VAL B 36 -26.09 -10.16 -15.41
N VAL B 37 -25.25 -10.26 -14.38
CA VAL B 37 -23.86 -10.66 -14.52
C VAL B 37 -23.72 -12.13 -14.13
N ASN B 38 -23.12 -12.92 -15.03
CA ASN B 38 -22.81 -14.31 -14.76
C ASN B 38 -21.31 -14.56 -14.74
N THR B 39 -20.49 -13.52 -14.79
CA THR B 39 -19.03 -13.64 -14.82
C THR B 39 -18.40 -12.99 -13.60
N HIS B 40 -17.09 -13.19 -13.47
CA HIS B 40 -16.30 -12.64 -12.38
C HIS B 40 -15.02 -12.07 -12.97
N GLY B 41 -14.89 -10.74 -12.98
CA GLY B 41 -13.64 -10.13 -13.39
C GLY B 41 -13.71 -8.64 -13.66
N PRO B 42 -12.59 -8.08 -14.08
CA PRO B 42 -12.56 -6.64 -14.37
C PRO B 42 -13.39 -6.32 -15.60
N VAL B 43 -14.05 -5.15 -15.56
CA VAL B 43 -14.81 -4.69 -16.73
C VAL B 43 -13.87 -4.37 -17.89
N GLU B 44 -12.72 -3.77 -17.60
CA GLU B 44 -11.71 -3.43 -18.61
C GLU B 44 -10.34 -3.73 -18.05
N PRO B 45 -9.35 -3.98 -18.91
CA PRO B 45 -8.01 -4.33 -18.40
C PRO B 45 -7.37 -3.12 -17.73
N ASP B 46 -6.36 -3.41 -16.92
CA ASP B 46 -5.57 -2.35 -16.30
C ASP B 46 -4.91 -1.50 -17.38
N LYS B 47 -4.79 -0.21 -17.10
CA LYS B 47 -4.18 0.73 -18.04
C LYS B 47 -2.69 0.80 -17.79
N ASP B 48 -1.89 0.75 -18.86
CA ASP B 48 -0.45 0.85 -18.69
C ASP B 48 0.09 2.23 -19.01
N ASN B 49 -0.76 3.18 -19.38
CA ASN B 49 -0.38 4.59 -19.34
C ASN B 49 -1.56 5.40 -18.85
N ILE B 50 -1.27 6.38 -18.00
CA ILE B 50 -2.28 7.13 -17.26
C ILE B 50 -2.11 8.61 -17.58
N ARG B 51 -3.23 9.29 -17.81
CA ARG B 51 -3.26 10.72 -18.02
C ARG B 51 -2.50 11.45 -16.91
N GLN B 52 -1.50 12.24 -17.30
CA GLN B 52 -0.69 12.96 -16.32
C GLN B 52 -1.27 14.28 -15.87
N GLU B 53 -2.19 14.86 -16.63
CA GLU B 53 -2.74 16.16 -16.33
C GLU B 53 -4.05 16.03 -15.57
N PRO B 54 -4.23 16.83 -14.51
CA PRO B 54 -5.53 16.87 -13.83
C PRO B 54 -6.62 17.25 -14.80
N TYR B 55 -7.82 16.72 -14.57
CA TYR B 55 -8.95 17.07 -15.41
C TYR B 55 -9.31 18.55 -15.25
N THR B 56 -9.80 19.16 -16.33
CA THR B 56 -10.15 20.57 -16.33
C THR B 56 -11.42 20.80 -15.53
N LEU B 57 -11.38 21.78 -14.64
CA LEU B 57 -12.52 22.29 -13.88
C LEU B 57 -13.12 23.49 -14.60
N PRO B 58 -14.37 23.86 -14.26
CA PRO B 58 -14.92 25.11 -14.81
C PRO B 58 -14.07 26.30 -14.42
N GLN B 59 -14.17 27.36 -15.22
CA GLN B 59 -13.35 28.55 -15.00
C GLN B 59 -13.60 29.12 -13.62
N GLY B 60 -12.50 29.48 -12.92
CA GLY B 60 -12.57 30.06 -11.60
C GLY B 60 -12.32 29.09 -10.45
N PHE B 61 -12.05 27.82 -10.75
CA PHE B 61 -11.92 26.78 -9.74
C PHE B 61 -10.61 26.04 -9.97
N THR B 62 -10.05 25.49 -8.89
CA THR B 62 -8.76 24.83 -8.96
C THR B 62 -8.73 23.64 -8.00
N TRP B 63 -7.95 22.63 -8.36
CA TRP B 63 -7.72 21.51 -7.47
C TRP B 63 -6.84 21.91 -6.28
N ASP B 64 -7.04 21.22 -5.15
CA ASP B 64 -6.14 21.39 -4.01
C ASP B 64 -6.21 20.16 -3.13
N ALA B 65 -5.09 19.44 -3.01
CA ALA B 65 -5.02 18.30 -2.12
C ALA B 65 -4.98 18.77 -0.67
N LEU B 66 -5.85 18.19 0.18
CA LEU B 66 -6.07 18.74 1.51
C LEU B 66 -5.21 18.01 2.52
N ASP B 67 -4.31 18.74 3.18
CA ASP B 67 -3.51 18.23 4.29
C ASP B 67 -4.36 18.33 5.55
N LEU B 68 -4.97 17.21 5.93
CA LEU B 68 -5.84 17.23 7.11
C LEU B 68 -5.07 17.32 8.41
N GLY B 69 -3.74 17.24 8.37
CA GLY B 69 -2.92 17.52 9.54
C GLY B 69 -2.77 18.99 9.86
N ASP B 70 -3.18 19.85 8.94
CA ASP B 70 -3.31 21.28 9.17
C ASP B 70 -4.71 21.52 9.75
N ARG B 71 -4.76 21.91 11.03
CA ARG B 71 -6.04 22.01 11.73
C ARG B 71 -7.00 22.97 11.02
N GLY B 72 -6.48 24.01 10.39
CA GLY B 72 -7.36 24.93 9.68
C GLY B 72 -7.96 24.31 8.42
N VAL B 73 -7.18 23.52 7.69
CA VAL B 73 -7.70 22.86 6.49
C VAL B 73 -8.73 21.81 6.89
N LEU B 74 -8.44 21.04 7.94
CA LEU B 74 -9.42 20.10 8.45
C LEU B 74 -10.71 20.81 8.80
N LYS B 75 -10.62 22.00 9.41
CA LYS B 75 -11.83 22.72 9.78
C LYS B 75 -12.60 23.20 8.56
N GLU B 76 -11.89 23.52 7.46
CA GLU B 76 -12.57 23.89 6.23
C GLU B 76 -13.35 22.71 5.65
N LEU B 77 -12.73 21.52 5.66
CA LEU B 77 -13.44 20.33 5.23
C LEU B 77 -14.63 20.06 6.13
N TYR B 78 -14.42 20.11 7.46
CA TYR B 78 -15.54 19.99 8.38
C TYR B 78 -16.70 20.89 7.98
N THR B 79 -16.39 22.16 7.65
CA THR B 79 -17.44 23.13 7.38
C THR B 79 -18.13 22.84 6.05
N LEU B 80 -17.36 22.47 5.02
CA LEU B 80 -17.96 22.11 3.74
C LEU B 80 -18.97 20.97 3.91
N LEU B 81 -18.58 19.92 4.62
CA LEU B 81 -19.49 18.79 4.80
C LEU B 81 -20.66 19.16 5.71
N ASN B 82 -20.38 19.91 6.78
CA ASN B 82 -21.43 20.31 7.72
C ASN B 82 -22.54 21.08 7.02
N GLU B 83 -22.19 21.86 6.01
CA GLU B 83 -23.15 22.73 5.33
C GLU B 83 -23.67 22.16 4.03
N ASN B 84 -22.99 21.17 3.42
CA ASN B 84 -23.33 20.74 2.07
C ASN B 84 -23.36 19.24 1.84
N TYR B 85 -23.17 18.40 2.85
CA TYR B 85 -23.08 16.97 2.61
C TYR B 85 -24.50 16.35 2.66
N VAL B 86 -24.57 15.03 2.84
CA VAL B 86 -25.79 14.24 2.59
C VAL B 86 -26.90 14.63 3.57
N GLU B 87 -28.12 14.76 3.04
CA GLU B 87 -29.30 15.02 3.83
C GLU B 87 -30.28 13.87 3.64
N ASP B 88 -31.25 13.78 4.54
CA ASP B 88 -32.31 12.79 4.39
C ASP B 88 -33.20 13.14 3.20
N ASP B 89 -34.16 12.24 2.95
CA ASP B 89 -35.10 12.38 1.84
C ASP B 89 -35.84 13.72 1.86
N ASP B 90 -36.13 14.24 3.06
CA ASP B 90 -37.03 15.39 3.20
C ASP B 90 -36.32 16.65 3.66
N ASN B 91 -34.98 16.67 3.60
CA ASN B 91 -34.17 17.86 3.91
C ASN B 91 -34.42 18.35 5.33
N MET B 92 -34.50 17.42 6.27
CA MET B 92 -34.68 17.72 7.68
C MET B 92 -33.43 17.51 8.52
N PHE B 93 -32.54 16.63 8.08
CA PHE B 93 -31.31 16.30 8.79
C PHE B 93 -30.15 16.28 7.80
N ARG B 94 -28.95 16.62 8.28
CA ARG B 94 -27.73 16.53 7.48
C ARG B 94 -26.61 15.94 8.32
N PHE B 95 -25.77 15.09 7.71
CA PHE B 95 -24.65 14.50 8.45
C PHE B 95 -23.78 15.61 9.02
N ASP B 96 -23.24 15.37 10.23
CA ASP B 96 -22.36 16.32 10.90
C ASP B 96 -21.10 15.59 11.37
N TYR B 97 -20.36 15.00 10.43
CA TYR B 97 -19.09 14.35 10.74
C TYR B 97 -18.17 15.30 11.49
N SER B 98 -17.60 14.84 12.59
CA SER B 98 -16.73 15.71 13.35
C SER B 98 -15.34 15.78 12.71
N PRO B 99 -14.57 16.83 13.01
CA PRO B 99 -13.20 16.89 12.51
C PRO B 99 -12.36 15.68 12.91
N GLU B 100 -12.46 15.25 14.18
CA GLU B 100 -11.68 14.11 14.63
C GLU B 100 -12.13 12.82 13.95
N PHE B 101 -13.44 12.70 13.70
CA PHE B 101 -13.94 11.56 12.92
C PHE B 101 -13.38 11.58 11.50
N LEU B 102 -13.33 12.75 10.87
CA LEU B 102 -12.81 12.79 9.51
C LEU B 102 -11.37 12.31 9.47
N LEU B 103 -10.57 12.65 10.49
CA LEU B 103 -9.20 12.17 10.54
C LEU B 103 -9.14 10.65 10.63
N TRP B 104 -10.04 10.06 11.43
CA TRP B 104 -10.12 8.61 11.55
C TRP B 104 -10.48 7.97 10.22
N ALA B 105 -11.48 8.52 9.54
CA ALA B 105 -11.93 7.92 8.29
C ALA B 105 -10.98 8.18 7.14
N LEU B 106 -10.19 9.25 7.19
CA LEU B 106 -9.41 9.67 6.03
C LEU B 106 -7.93 9.46 6.19
N ARG B 107 -7.45 9.13 7.39
CA ARG B 107 -6.04 8.76 7.52
C ARG B 107 -5.86 7.36 8.09
N PRO B 108 -6.46 6.31 7.50
CA PRO B 108 -6.11 4.96 7.94
C PRO B 108 -4.74 4.59 7.40
N PRO B 109 -4.19 3.44 7.77
CA PRO B 109 -2.89 3.02 7.22
C PRO B 109 -2.86 3.08 5.70
N GLY B 110 -1.79 3.66 5.15
CA GLY B 110 -1.67 3.73 3.71
C GLY B 110 -2.34 4.92 3.05
N TRP B 111 -2.87 5.85 3.84
CA TRP B 111 -3.56 6.99 3.26
C TRP B 111 -2.57 7.87 2.49
N LEU B 112 -3.09 8.59 1.51
CA LEU B 112 -2.30 9.46 0.65
C LEU B 112 -2.89 10.85 0.60
N PRO B 113 -2.06 11.89 0.71
CA PRO B 113 -2.61 13.25 0.70
C PRO B 113 -3.27 13.61 -0.62
N GLN B 114 -2.75 13.12 -1.75
CA GLN B 114 -3.33 13.42 -3.05
C GLN B 114 -4.72 12.79 -3.22
N TRP B 115 -5.06 11.81 -2.40
CA TRP B 115 -6.38 11.21 -2.44
C TRP B 115 -7.40 11.94 -1.57
N HIS B 116 -7.01 13.05 -0.95
CA HIS B 116 -7.95 13.99 -0.32
C HIS B 116 -8.15 15.14 -1.31
N CYS B 117 -9.03 14.89 -2.28
CA CYS B 117 -9.12 15.69 -3.49
C CYS B 117 -10.14 16.81 -3.32
N GLY B 118 -9.67 18.05 -3.08
CA GLY B 118 -10.54 19.21 -2.94
C GLY B 118 -10.58 20.13 -4.16
N VAL B 119 -11.65 20.93 -4.21
CA VAL B 119 -11.83 22.00 -5.20
C VAL B 119 -11.98 23.33 -4.46
N ARG B 120 -11.23 24.33 -4.87
CA ARG B 120 -11.32 25.64 -4.26
C ARG B 120 -11.69 26.69 -5.29
N VAL B 121 -12.34 27.76 -4.83
CA VAL B 121 -12.51 28.96 -5.65
C VAL B 121 -11.16 29.65 -5.78
N VAL B 122 -10.76 29.97 -7.01
CA VAL B 122 -9.42 30.54 -7.23
C VAL B 122 -9.25 31.85 -6.46
N SER B 123 -10.24 32.74 -6.57
CA SER B 123 -10.11 34.08 -5.98
C SER B 123 -10.12 34.03 -4.46
N SER B 124 -11.16 33.42 -3.88
CA SER B 124 -11.37 33.45 -2.43
C SER B 124 -10.70 32.31 -1.67
N ARG B 125 -10.31 31.23 -2.36
CA ARG B 125 -9.80 29.99 -1.77
C ARG B 125 -10.87 29.18 -1.05
N LYS B 126 -12.15 29.56 -1.16
CA LYS B 126 -13.20 28.81 -0.48
C LYS B 126 -13.25 27.37 -0.99
N LEU B 127 -13.33 26.43 -0.07
CA LEU B 127 -13.48 25.02 -0.41
C LEU B 127 -14.93 24.76 -0.83
N VAL B 128 -15.11 24.28 -2.06
CA VAL B 128 -16.44 24.08 -2.61
C VAL B 128 -16.67 22.68 -3.15
N GLY B 129 -15.69 21.79 -3.08
CA GLY B 129 -15.88 20.43 -3.55
C GLY B 129 -14.86 19.51 -2.92
N PHE B 130 -15.23 18.23 -2.80
CA PHE B 130 -14.33 17.26 -2.19
C PHE B 130 -14.71 15.86 -2.65
N ILE B 131 -13.70 14.98 -2.66
CA ILE B 131 -13.91 13.53 -2.75
C ILE B 131 -12.64 12.90 -2.20
N SER B 132 -12.76 11.68 -1.66
CA SER B 132 -11.62 11.02 -1.05
C SER B 132 -11.51 9.57 -1.48
N ALA B 133 -10.29 9.04 -1.43
CA ALA B 133 -10.01 7.62 -1.57
C ALA B 133 -9.10 7.17 -0.44
N ILE B 134 -9.38 6.00 0.12
CA ILE B 134 -8.45 5.33 1.04
C ILE B 134 -8.19 3.91 0.55
N PRO B 135 -7.00 3.38 0.73
CA PRO B 135 -6.73 2.03 0.23
C PRO B 135 -7.38 0.99 1.12
N ALA B 136 -7.75 -0.15 0.52
CA ALA B 136 -8.35 -1.26 1.24
C ALA B 136 -8.17 -2.53 0.41
N ASN B 137 -7.77 -3.61 1.07
CA ASN B 137 -7.83 -4.93 0.45
C ASN B 137 -9.24 -5.47 0.62
N ILE B 138 -9.85 -5.85 -0.51
CA ILE B 138 -11.26 -6.23 -0.54
C ILE B 138 -11.36 -7.67 -1.04
N HIS B 139 -12.12 -8.49 -0.32
CA HIS B 139 -12.41 -9.86 -0.73
C HIS B 139 -13.80 -9.87 -1.34
N ILE B 140 -13.89 -10.30 -2.60
CA ILE B 140 -15.16 -10.32 -3.33
C ILE B 140 -15.28 -11.71 -3.94
N TYR B 141 -16.24 -12.51 -3.41
CA TYR B 141 -16.36 -13.92 -3.76
C TYR B 141 -15.02 -14.61 -3.62
N ASP B 142 -14.47 -15.17 -4.70
CA ASP B 142 -13.23 -15.94 -4.60
C ASP B 142 -11.99 -15.11 -4.91
N THR B 143 -12.10 -13.78 -4.91
CA THR B 143 -10.99 -12.91 -5.28
C THR B 143 -10.69 -11.93 -4.16
N GLU B 144 -9.40 -11.70 -3.94
CA GLU B 144 -8.92 -10.65 -3.04
C GLU B 144 -8.13 -9.67 -3.89
N LYS B 145 -8.49 -8.40 -3.81
CA LYS B 145 -7.89 -7.36 -4.65
C LYS B 145 -7.60 -6.14 -3.82
N LYS B 146 -6.48 -5.49 -4.10
CA LYS B 146 -6.22 -4.16 -3.58
C LYS B 146 -7.13 -3.17 -4.30
N MET B 147 -7.92 -2.42 -3.55
CA MET B 147 -8.87 -1.47 -4.09
C MET B 147 -8.71 -0.14 -3.37
N VAL B 148 -9.56 0.83 -3.71
CA VAL B 148 -9.79 1.96 -2.83
C VAL B 148 -11.26 1.98 -2.42
N GLU B 149 -11.52 2.63 -1.29
CA GLU B 149 -12.87 3.01 -0.87
C GLU B 149 -13.04 4.49 -1.13
N ILE B 150 -14.11 4.85 -1.87
CA ILE B 150 -14.43 6.23 -2.18
C ILE B 150 -15.46 6.73 -1.19
N ASN B 151 -15.27 7.93 -0.68
CA ASN B 151 -16.19 8.45 0.32
C ASN B 151 -16.18 9.97 0.24
N PHE B 152 -17.20 10.57 0.86
CA PHE B 152 -17.28 12.02 1.07
C PHE B 152 -17.32 12.81 -0.24
N LEU B 153 -17.97 12.28 -1.27
CA LEU B 153 -18.22 13.09 -2.46
C LEU B 153 -19.18 14.22 -2.10
N CYS B 154 -18.72 15.46 -2.25
CA CYS B 154 -19.50 16.63 -1.83
C CYS B 154 -19.25 17.78 -2.80
N VAL B 155 -20.32 18.43 -3.21
CA VAL B 155 -20.26 19.64 -4.04
C VAL B 155 -21.08 20.72 -3.36
N HIS B 156 -20.48 21.90 -3.17
CA HIS B 156 -21.21 23.01 -2.56
C HIS B 156 -22.58 23.20 -3.21
N LYS B 157 -23.57 23.55 -2.39
CA LYS B 157 -24.93 23.73 -2.89
C LYS B 157 -24.99 24.73 -4.04
N LYS B 158 -24.17 25.78 -3.98
CA LYS B 158 -24.18 26.80 -5.04
C LYS B 158 -23.50 26.34 -6.31
N LEU B 159 -22.83 25.19 -6.28
CA LEU B 159 -22.05 24.69 -7.40
C LEU B 159 -22.71 23.48 -8.06
N ARG B 160 -23.91 23.14 -7.64
CA ARG B 160 -24.58 21.91 -8.03
C ARG B 160 -25.11 21.99 -9.46
N SER B 161 -25.36 20.80 -10.02
CA SER B 161 -25.95 20.65 -11.36
C SER B 161 -25.12 21.36 -12.43
N LYS B 162 -23.81 21.37 -12.25
CA LYS B 162 -22.86 21.97 -13.20
C LYS B 162 -21.76 20.98 -13.59
N ARG B 163 -22.03 19.68 -13.43
CA ARG B 163 -21.11 18.59 -13.80
C ARG B 163 -19.83 18.59 -12.97
N VAL B 164 -19.86 19.10 -11.74
CA VAL B 164 -18.63 19.05 -10.95
C VAL B 164 -18.42 17.66 -10.35
N ALA B 165 -19.50 16.96 -9.99
CA ALA B 165 -19.33 15.60 -9.46
C ALA B 165 -18.69 14.65 -10.46
N PRO B 166 -19.05 14.63 -11.75
CA PRO B 166 -18.31 13.77 -12.69
C PRO B 166 -16.85 14.13 -12.79
N VAL B 167 -16.50 15.41 -12.69
CA VAL B 167 -15.09 15.78 -12.76
C VAL B 167 -14.36 15.27 -11.54
N LEU B 168 -14.98 15.41 -10.36
CA LEU B 168 -14.39 14.88 -9.14
C LEU B 168 -14.18 13.37 -9.24
N ILE B 169 -15.15 12.65 -9.78
CA ILE B 169 -15.02 11.20 -9.91
C ILE B 169 -13.88 10.83 -10.87
N ARG B 170 -13.82 11.50 -12.03
N ARG B 170 -13.82 11.50 -12.03
CA ARG B 170 -12.75 11.20 -12.98
CA ARG B 170 -12.74 11.20 -12.98
C ARG B 170 -11.38 11.58 -12.42
C ARG B 170 -11.39 11.57 -12.39
N GLU B 171 -11.29 12.70 -11.70
CA GLU B 171 -10.01 13.10 -11.14
C GLU B 171 -9.54 12.13 -10.05
N ILE B 172 -10.42 11.71 -9.14
CA ILE B 172 -9.95 10.76 -8.13
C ILE B 172 -9.59 9.42 -8.80
N THR B 173 -10.35 9.02 -9.83
CA THR B 173 -10.03 7.82 -10.58
C THR B 173 -8.62 7.89 -11.15
N ARG B 174 -8.29 9.03 -11.77
CA ARG B 174 -6.95 9.25 -12.33
C ARG B 174 -5.87 9.16 -11.25
N ARG B 175 -6.10 9.81 -10.11
CA ARG B 175 -5.09 9.78 -9.04
C ARG B 175 -4.92 8.39 -8.45
N VAL B 176 -5.99 7.58 -8.45
CA VAL B 176 -5.89 6.20 -7.98
C VAL B 176 -5.15 5.34 -9.01
N HIS B 177 -5.51 5.48 -10.29
CA HIS B 177 -4.82 4.78 -11.39
C HIS B 177 -3.33 5.02 -11.35
N LEU B 178 -2.90 6.24 -11.04
CA LEU B 178 -1.47 6.54 -10.99
C LEU B 178 -0.75 5.70 -9.95
N GLU B 179 -1.45 5.22 -8.93
CA GLU B 179 -0.86 4.36 -7.91
C GLU B 179 -1.04 2.89 -8.23
N GLY B 180 -1.52 2.57 -9.42
CA GLY B 180 -1.61 1.18 -9.83
C GLY B 180 -2.82 0.41 -9.33
N ILE B 181 -3.87 1.10 -8.87
CA ILE B 181 -5.09 0.45 -8.40
C ILE B 181 -6.19 0.71 -9.41
N PHE B 182 -6.96 -0.33 -9.76
CA PHE B 182 -7.93 -0.21 -10.84
C PHE B 182 -9.34 -0.64 -10.45
N GLN B 183 -9.59 -0.89 -9.17
CA GLN B 183 -10.91 -1.23 -8.67
C GLN B 183 -11.22 -0.39 -7.44
N ALA B 184 -12.51 -0.13 -7.22
CA ALA B 184 -12.93 0.63 -6.05
C ALA B 184 -14.24 0.06 -5.53
N VAL B 185 -14.50 0.31 -4.25
CA VAL B 185 -15.79 0.00 -3.64
C VAL B 185 -16.35 1.28 -3.02
N TYR B 186 -17.68 1.42 -3.05
CA TYR B 186 -18.31 2.59 -2.47
C TYR B 186 -19.79 2.32 -2.28
N THR B 187 -20.44 3.17 -1.50
CA THR B 187 -21.88 3.10 -1.29
C THR B 187 -22.51 4.41 -1.72
N ALA B 188 -23.85 4.38 -1.83
CA ALA B 188 -24.62 5.58 -2.14
C ALA B 188 -26.06 5.34 -1.72
N GLY B 189 -26.72 6.40 -1.28
CA GLY B 189 -28.14 6.38 -1.07
C GLY B 189 -28.97 6.45 -2.35
N VAL B 190 -28.36 6.57 -3.52
CA VAL B 190 -29.10 6.56 -4.78
C VAL B 190 -28.76 5.29 -5.54
N VAL B 191 -29.59 4.99 -6.55
CA VAL B 191 -29.33 3.87 -7.44
C VAL B 191 -28.54 4.37 -8.65
N LEU B 192 -27.44 3.68 -8.94
CA LEU B 192 -26.55 3.92 -10.07
C LEU B 192 -26.24 2.57 -10.69
N PRO B 193 -25.71 2.55 -11.91
CA PRO B 193 -25.16 1.30 -12.44
C PRO B 193 -23.89 0.93 -11.68
N LYS B 194 -23.88 -0.23 -11.01
CA LYS B 194 -25.00 -1.13 -10.78
C LYS B 194 -24.75 -1.74 -9.41
N PRO B 195 -25.76 -1.77 -8.54
CA PRO B 195 -25.50 -2.23 -7.16
C PRO B 195 -25.07 -3.69 -7.14
N VAL B 196 -24.04 -3.98 -6.35
CA VAL B 196 -23.69 -5.36 -6.08
C VAL B 196 -24.54 -5.91 -4.93
N GLY B 197 -25.14 -5.03 -4.12
CA GLY B 197 -26.00 -5.42 -3.02
C GLY B 197 -26.76 -4.21 -2.53
N THR B 198 -27.99 -4.41 -2.04
CA THR B 198 -28.81 -3.31 -1.54
C THR B 198 -29.14 -3.58 -0.08
N CYS B 199 -28.78 -2.63 0.79
CA CYS B 199 -29.01 -2.78 2.21
C CYS B 199 -30.01 -1.74 2.67
N ARG B 200 -30.69 -2.07 3.76
CA ARG B 200 -31.69 -1.19 4.35
C ARG B 200 -31.24 -0.80 5.73
N TYR B 201 -31.29 0.50 6.03
CA TYR B 201 -31.06 0.97 7.37
C TYR B 201 -32.28 0.71 8.26
N TRP B 202 -32.01 0.28 9.50
CA TRP B 202 -32.98 0.15 10.58
C TRP B 202 -32.53 0.98 11.76
N HIS B 203 -33.48 1.41 12.57
CA HIS B 203 -33.24 2.37 13.65
C HIS B 203 -33.85 1.84 14.93
N ARG B 204 -33.07 1.88 16.02
CA ARG B 204 -33.54 1.46 17.33
C ARG B 204 -33.64 2.70 18.21
N SER B 205 -34.85 3.12 18.54
CA SER B 205 -35.01 4.33 19.34
C SER B 205 -34.36 4.15 20.72
N LEU B 206 -33.58 5.15 21.13
CA LEU B 206 -33.02 5.21 22.47
C LEU B 206 -33.60 6.35 23.28
N ASN B 207 -33.85 7.50 22.66
N ASN B 207 -33.89 7.45 22.61
CA ASN B 207 -34.52 8.62 23.28
CA ASN B 207 -34.49 8.65 23.22
C ASN B 207 -35.76 8.92 22.46
C ASN B 207 -35.77 8.95 22.45
N PRO B 208 -36.82 8.14 22.63
CA PRO B 208 -37.99 8.25 21.73
C PRO B 208 -38.64 9.61 21.73
N ARG B 209 -38.64 10.32 22.88
CA ARG B 209 -39.26 11.64 22.96
C ARG B 209 -38.60 12.60 21.99
N LYS B 210 -37.26 12.74 22.08
CA LYS B 210 -36.55 13.62 21.17
C LYS B 210 -36.77 13.22 19.72
N LEU B 211 -36.73 11.91 19.42
CA LEU B 211 -36.87 11.46 18.04
C LEU B 211 -38.21 11.88 17.47
N ILE B 212 -39.27 11.78 18.28
CA ILE B 212 -40.62 12.14 17.82
C ILE B 212 -40.73 13.66 17.68
N GLU B 213 -40.23 14.41 18.67
CA GLU B 213 -40.31 15.87 18.63
C GLU B 213 -39.67 16.43 17.37
N VAL B 214 -38.52 15.88 16.95
CA VAL B 214 -37.82 16.39 15.78
C VAL B 214 -38.27 15.68 14.51
N LYS B 215 -39.23 14.76 14.61
CA LYS B 215 -39.81 14.09 13.45
C LYS B 215 -38.80 13.20 12.74
N PHE B 216 -37.83 12.67 13.48
CA PHE B 216 -37.06 11.53 13.00
C PHE B 216 -37.94 10.29 12.97
N SER B 217 -38.77 10.13 13.99
CA SER B 217 -39.77 9.08 14.07
C SER B 217 -41.12 9.72 14.38
N HIS B 218 -42.16 8.90 14.35
CA HIS B 218 -43.51 9.36 14.67
C HIS B 218 -44.16 8.42 15.67
N LEU B 219 -45.21 8.92 16.33
CA LEU B 219 -46.12 8.10 17.10
C LEU B 219 -47.18 7.54 16.16
N SER B 220 -47.32 6.22 16.13
CA SER B 220 -48.42 5.65 15.36
C SER B 220 -49.76 6.02 15.98
N ARG B 221 -50.82 5.94 15.17
CA ARG B 221 -52.17 6.04 15.72
C ARG B 221 -52.40 5.03 16.83
N ASN B 222 -51.68 3.91 16.79
CA ASN B 222 -51.97 2.80 17.71
C ASN B 222 -51.44 3.05 19.11
N MET B 223 -50.44 3.92 19.28
CA MET B 223 -49.74 4.01 20.56
C MET B 223 -49.62 5.46 21.03
N THR B 224 -49.47 5.60 22.34
CA THR B 224 -49.26 6.87 23.01
C THR B 224 -47.77 7.08 23.31
N MET B 225 -47.44 8.32 23.68
CA MET B 225 -46.07 8.63 24.10
C MET B 225 -45.69 7.83 25.34
N GLN B 226 -46.59 7.76 26.32
CA GLN B 226 -46.33 6.99 27.53
C GLN B 226 -45.98 5.54 27.21
N ARG B 227 -46.75 4.92 26.31
CA ARG B 227 -46.44 3.55 25.94
C ARG B 227 -45.13 3.47 25.16
N THR B 228 -44.87 4.44 24.29
CA THR B 228 -43.64 4.41 23.49
C THR B 228 -42.40 4.46 24.38
N MET B 229 -42.42 5.29 25.43
CA MET B 229 -41.31 5.34 26.37
C MET B 229 -41.05 3.97 26.99
N LYS B 230 -42.09 3.32 27.52
CA LYS B 230 -41.90 2.03 28.18
C LYS B 230 -41.49 0.97 27.17
N LEU B 231 -41.99 1.06 25.94
CA LEU B 231 -41.64 0.08 24.91
C LEU B 231 -40.14 0.06 24.64
N TYR B 232 -39.49 1.22 24.70
CA TYR B 232 -38.08 1.35 24.32
C TYR B 232 -37.17 1.47 25.52
N ARG B 233 -37.69 1.32 26.75
CA ARG B 233 -36.86 1.33 27.94
C ARG B 233 -35.83 0.21 27.86
N LEU B 234 -34.66 0.49 28.39
CA LEU B 234 -33.54 -0.45 28.35
C LEU B 234 -33.00 -0.67 29.75
N PRO B 235 -32.31 -1.79 29.98
CA PRO B 235 -31.59 -1.96 31.25
C PRO B 235 -30.57 -0.86 31.48
N GLU B 236 -30.20 -0.71 32.76
CA GLU B 236 -29.25 0.29 33.22
C GLU B 236 -27.83 -0.06 32.79
N THR B 237 -27.45 -1.33 32.89
CA THR B 237 -26.11 -1.82 32.59
C THR B 237 -26.22 -3.04 31.69
N PRO B 238 -25.19 -3.29 30.88
CA PRO B 238 -25.23 -4.47 30.00
C PRO B 238 -25.13 -5.75 30.82
N LYS B 239 -25.54 -6.86 30.21
CA LYS B 239 -25.66 -8.10 30.96
C LYS B 239 -24.53 -9.10 30.72
N THR B 240 -23.74 -8.95 29.65
CA THR B 240 -22.79 -10.00 29.29
C THR B 240 -21.59 -10.01 30.23
N ALA B 241 -21.29 -11.20 30.75
CA ALA B 241 -20.14 -11.41 31.62
C ALA B 241 -18.85 -11.00 30.95
N GLY B 242 -18.08 -10.15 31.62
CA GLY B 242 -16.75 -9.84 31.17
C GLY B 242 -16.67 -8.87 30.02
N LEU B 243 -17.76 -8.16 29.72
CA LEU B 243 -17.73 -7.13 28.69
C LEU B 243 -16.93 -5.94 29.19
N ARG B 244 -16.03 -5.44 28.35
CA ARG B 244 -15.18 -4.32 28.73
C ARG B 244 -14.65 -3.66 27.46
N PRO B 245 -14.20 -2.41 27.53
CA PRO B 245 -13.65 -1.76 26.34
C PRO B 245 -12.41 -2.47 25.82
N MET B 246 -12.27 -2.45 24.51
CA MET B 246 -11.06 -2.96 23.87
C MET B 246 -9.84 -2.19 24.35
N GLU B 247 -8.75 -2.91 24.58
CA GLU B 247 -7.45 -2.35 24.97
C GLU B 247 -6.39 -2.78 23.97
N THR B 248 -5.20 -2.20 24.11
CA THR B 248 -4.10 -2.50 23.19
C THR B 248 -3.79 -4.00 23.17
N LYS B 249 -3.84 -4.67 24.34
CA LYS B 249 -3.53 -6.09 24.39
C LYS B 249 -4.51 -6.94 23.58
N ASP B 250 -5.69 -6.40 23.26
CA ASP B 250 -6.68 -7.18 22.51
C ASP B 250 -6.52 -7.06 20.99
N ILE B 251 -5.62 -6.24 20.48
CA ILE B 251 -5.55 -6.02 19.03
C ILE B 251 -5.37 -7.31 18.26
N PRO B 252 -4.43 -8.21 18.62
CA PRO B 252 -4.29 -9.45 17.84
C PRO B 252 -5.51 -10.32 17.89
N VAL B 253 -6.17 -10.48 19.05
CA VAL B 253 -7.30 -11.39 19.06
C VAL B 253 -8.51 -10.79 18.35
N VAL B 254 -8.72 -9.47 18.44
CA VAL B 254 -9.80 -8.86 17.66
C VAL B 254 -9.54 -9.09 16.17
N HIS B 255 -8.29 -8.91 15.75
CA HIS B 255 -7.91 -9.22 14.36
C HIS B 255 -8.25 -10.66 14.01
N GLN B 256 -7.83 -11.62 14.85
CA GLN B 256 -8.12 -13.01 14.57
C GLN B 256 -9.61 -13.28 14.50
N LEU B 257 -10.36 -12.84 15.52
CA LEU B 257 -11.81 -13.03 15.53
C LEU B 257 -12.46 -12.46 14.28
N LEU B 258 -12.12 -11.22 13.92
CA LEU B 258 -12.75 -10.58 12.76
C LEU B 258 -12.43 -11.35 11.48
N THR B 259 -11.16 -11.70 11.29
CA THR B 259 -10.76 -12.39 10.07
C THR B 259 -11.55 -13.68 9.86
N ARG B 260 -11.64 -14.51 10.90
CA ARG B 260 -12.35 -15.78 10.79
C ARG B 260 -13.85 -15.56 10.62
N TYR B 261 -14.40 -14.58 11.35
CA TYR B 261 -15.84 -14.32 11.25
C TYR B 261 -16.24 -13.87 9.85
N LEU B 262 -15.40 -13.06 9.20
CA LEU B 262 -15.81 -12.48 7.93
C LEU B 262 -15.75 -13.47 6.77
N LYS B 263 -15.15 -14.64 6.96
CA LYS B 263 -15.03 -15.58 5.84
C LYS B 263 -16.39 -16.07 5.34
N GLN B 264 -17.44 -15.95 6.16
CA GLN B 264 -18.75 -16.44 5.73
C GLN B 264 -19.48 -15.49 4.79
N PHE B 265 -19.01 -14.27 4.58
CA PHE B 265 -19.69 -13.33 3.70
C PHE B 265 -18.95 -13.25 2.37
N HIS B 266 -19.57 -12.55 1.40
CA HIS B 266 -19.05 -12.49 0.04
C HIS B 266 -18.41 -11.15 -0.33
N LEU B 267 -18.63 -10.10 0.45
CA LEU B 267 -17.98 -8.81 0.24
C LEU B 267 -17.47 -8.34 1.59
N THR B 268 -16.16 -8.36 1.79
CA THR B 268 -15.56 -8.12 3.10
C THR B 268 -14.25 -7.36 2.96
N PRO B 269 -13.85 -6.61 3.98
CA PRO B 269 -12.48 -6.12 4.05
C PRO B 269 -11.53 -7.21 4.52
N VAL B 270 -10.26 -7.09 4.11
CA VAL B 270 -9.18 -7.93 4.60
C VAL B 270 -8.21 -6.99 5.31
N MET B 271 -8.24 -6.98 6.64
CA MET B 271 -7.48 -6.01 7.40
C MET B 271 -6.18 -6.61 7.91
N SER B 272 -5.09 -5.85 7.81
CA SER B 272 -3.89 -6.14 8.58
C SER B 272 -4.14 -5.88 10.06
N GLN B 273 -3.19 -6.30 10.89
CA GLN B 273 -3.33 -6.04 12.32
C GLN B 273 -3.24 -4.53 12.61
N GLU B 274 -2.49 -3.77 11.81
CA GLU B 274 -2.45 -2.32 11.99
C GLU B 274 -3.76 -1.67 11.60
N GLU B 275 -4.42 -2.20 10.57
CA GLU B 275 -5.72 -1.68 10.19
C GLU B 275 -6.76 -1.98 11.25
N VAL B 276 -6.68 -3.16 11.88
CA VAL B 276 -7.58 -3.49 12.98
C VAL B 276 -7.40 -2.51 14.12
N GLU B 277 -6.15 -2.23 14.50
CA GLU B 277 -5.91 -1.20 15.50
C GLU B 277 -6.59 0.11 15.11
N HIS B 278 -6.40 0.54 13.87
CA HIS B 278 -6.97 1.83 13.46
C HIS B 278 -8.49 1.82 13.55
N TRP B 279 -9.12 0.79 12.99
CA TRP B 279 -10.57 0.82 12.84
C TRP B 279 -11.30 0.50 14.13
N PHE B 280 -10.64 -0.13 15.10
CA PHE B 280 -11.36 -0.60 16.29
C PHE B 280 -10.88 -0.03 17.62
N TYR B 281 -9.63 0.41 17.73
CA TYR B 281 -9.15 0.89 19.01
C TYR B 281 -10.00 2.08 19.46
N PRO B 282 -10.59 2.06 20.65
CA PRO B 282 -11.61 3.07 20.97
C PRO B 282 -11.03 4.49 20.98
N GLN B 283 -11.80 5.40 20.41
CA GLN B 283 -11.52 6.84 20.45
C GLN B 283 -12.82 7.51 20.83
N GLU B 284 -12.81 8.28 21.91
CA GLU B 284 -14.07 8.85 22.41
C GLU B 284 -14.74 9.69 21.34
N ASN B 285 -16.05 9.48 21.15
CA ASN B 285 -16.86 10.22 20.20
C ASN B 285 -16.52 9.91 18.75
N ILE B 286 -15.84 8.79 18.49
CA ILE B 286 -15.57 8.37 17.12
C ILE B 286 -15.93 6.90 16.94
N ILE B 287 -15.28 6.03 17.73
CA ILE B 287 -15.43 4.59 17.54
C ILE B 287 -15.38 3.92 18.92
N ASP B 288 -16.34 3.05 19.17
CA ASP B 288 -16.40 2.28 20.41
C ASP B 288 -16.30 0.80 20.09
N THR B 289 -15.45 0.08 20.81
CA THR B 289 -15.31 -1.36 20.69
C THR B 289 -15.28 -1.96 22.09
N PHE B 290 -16.14 -2.93 22.34
CA PHE B 290 -16.16 -3.65 23.60
C PHE B 290 -15.92 -5.12 23.33
N VAL B 291 -15.01 -5.74 24.10
CA VAL B 291 -14.70 -7.16 23.96
C VAL B 291 -15.31 -7.92 25.13
N VAL B 292 -15.53 -9.21 24.93
CA VAL B 292 -15.98 -10.11 26.00
C VAL B 292 -14.79 -10.98 26.37
N GLU B 293 -14.27 -10.78 27.58
CA GLU B 293 -13.17 -11.58 28.10
C GLU B 293 -13.78 -12.53 29.14
N ASN B 294 -13.68 -13.84 28.87
CA ASN B 294 -14.40 -14.82 29.68
C ASN B 294 -13.63 -15.14 30.97
N ALA B 295 -14.11 -16.16 31.68
CA ALA B 295 -13.56 -16.57 32.96
C ALA B 295 -12.18 -17.19 32.86
N ASN B 296 -11.77 -17.60 31.65
CA ASN B 296 -10.42 -18.08 31.40
C ASN B 296 -9.48 -16.98 30.95
N GLY B 297 -9.98 -15.75 30.79
CA GLY B 297 -9.16 -14.67 30.27
C GLY B 297 -9.09 -14.58 28.77
N GLU B 298 -9.94 -15.30 28.05
CA GLU B 298 -9.92 -15.35 26.59
C GLU B 298 -10.96 -14.37 26.04
N VAL B 299 -10.56 -13.58 25.05
CA VAL B 299 -11.52 -12.73 24.36
C VAL B 299 -12.24 -13.56 23.30
N THR B 300 -13.57 -13.64 23.41
CA THR B 300 -14.35 -14.52 22.55
C THR B 300 -15.34 -13.78 21.65
N ASP B 301 -15.64 -12.52 21.94
CA ASP B 301 -16.60 -11.77 21.14
C ASP B 301 -16.20 -10.30 21.20
N PHE B 302 -16.71 -9.52 20.24
CA PHE B 302 -16.66 -8.08 20.41
C PHE B 302 -17.78 -7.40 19.63
N LEU B 303 -18.15 -6.21 20.10
CA LEU B 303 -19.11 -5.35 19.43
C LEU B 303 -18.45 -4.01 19.19
N SER B 304 -18.91 -3.31 18.15
CA SER B 304 -18.39 -1.97 17.88
C SER B 304 -19.44 -1.13 17.18
N PHE B 305 -19.38 0.17 17.43
CA PHE B 305 -20.24 1.14 16.75
C PHE B 305 -19.52 2.47 16.66
N TYR B 306 -19.74 3.20 15.56
CA TYR B 306 -19.13 4.51 15.41
C TYR B 306 -20.13 5.64 15.63
N THR B 307 -19.59 6.82 15.94
CA THR B 307 -20.35 7.98 16.35
C THR B 307 -20.51 8.90 15.15
N LEU B 308 -21.74 9.15 14.72
CA LEU B 308 -22.00 10.05 13.59
C LEU B 308 -23.24 10.87 13.89
N PRO B 309 -23.08 12.07 14.43
CA PRO B 309 -24.24 12.93 14.70
C PRO B 309 -24.72 13.64 13.44
N SER B 310 -25.92 14.20 13.55
CA SER B 310 -26.54 14.94 12.45
C SER B 310 -27.01 16.30 12.93
N THR B 311 -27.03 17.24 12.00
CA THR B 311 -27.65 18.54 12.20
C THR B 311 -29.14 18.43 11.94
N ILE B 312 -29.94 19.03 12.83
CA ILE B 312 -31.39 19.12 12.65
C ILE B 312 -31.68 20.51 12.09
N MET B 313 -32.19 20.57 10.87
CA MET B 313 -32.33 21.85 10.19
C MET B 313 -33.59 22.58 10.61
N ASN B 314 -33.47 23.89 10.80
CA ASN B 314 -34.62 24.77 10.93
C ASN B 314 -35.47 24.42 12.14
N HIS B 315 -34.82 24.00 13.22
CA HIS B 315 -35.53 23.68 14.44
C HIS B 315 -35.08 24.62 15.55
N PRO B 316 -36.02 25.31 16.22
CA PRO B 316 -35.61 26.34 17.18
C PRO B 316 -34.91 25.80 18.41
N THR B 317 -35.24 24.59 18.87
CA THR B 317 -34.70 24.11 20.13
C THR B 317 -33.71 22.96 19.95
N HIS B 318 -34.06 21.92 19.20
CA HIS B 318 -33.18 20.78 19.00
C HIS B 318 -32.30 21.01 17.77
N LYS B 319 -30.98 21.05 17.98
CA LYS B 319 -30.05 21.37 16.92
C LYS B 319 -29.31 20.15 16.37
N SER B 320 -29.31 19.03 17.07
CA SER B 320 -28.47 17.91 16.69
C SER B 320 -29.06 16.61 17.19
N LEU B 321 -28.85 15.55 16.41
N LEU B 321 -28.88 15.55 16.39
CA LEU B 321 -29.25 14.19 16.74
CA LEU B 321 -29.18 14.18 16.77
C LEU B 321 -27.99 13.34 16.86
C LEU B 321 -27.87 13.43 16.95
N LYS B 322 -27.79 12.70 18.02
N LYS B 322 -27.73 12.70 18.06
CA LYS B 322 -26.60 11.88 18.28
CA LYS B 322 -26.55 11.87 18.32
C LYS B 322 -26.93 10.44 17.92
C LYS B 322 -26.89 10.42 17.95
N ALA B 323 -26.29 9.93 16.87
CA ALA B 323 -26.57 8.58 16.37
C ALA B 323 -25.33 7.69 16.46
N ALA B 324 -25.56 6.45 16.90
CA ALA B 324 -24.57 5.38 16.88
C ALA B 324 -24.86 4.47 15.69
N TYR B 325 -23.81 4.05 14.99
CA TYR B 325 -23.92 3.19 13.81
C TYR B 325 -23.22 1.88 14.08
N SER B 326 -23.95 0.77 13.97
CA SER B 326 -23.36 -0.55 14.11
C SER B 326 -22.21 -0.72 13.13
N PHE B 327 -21.07 -1.21 13.63
CA PHE B 327 -19.85 -1.33 12.83
C PHE B 327 -19.66 -2.81 12.56
N TYR B 328 -18.74 -3.50 13.25
CA TYR B 328 -18.57 -4.94 13.09
C TYR B 328 -18.78 -5.62 14.44
N ASN B 329 -19.59 -6.67 14.43
CA ASN B 329 -19.96 -7.41 15.63
C ASN B 329 -19.66 -8.88 15.39
N VAL B 330 -18.81 -9.46 16.24
CA VAL B 330 -18.31 -10.81 16.03
C VAL B 330 -18.66 -11.62 17.26
N HIS B 331 -19.33 -12.74 17.05
CA HIS B 331 -19.71 -13.62 18.16
C HIS B 331 -19.16 -15.01 17.89
N THR B 332 -18.55 -15.62 18.93
CA THR B 332 -18.19 -17.04 18.89
C THR B 332 -18.63 -17.78 20.14
N GLN B 333 -19.02 -17.10 21.21
CA GLN B 333 -19.48 -17.73 22.44
C GLN B 333 -20.68 -17.03 23.05
N THR B 334 -20.80 -15.73 22.89
CA THR B 334 -21.97 -14.95 23.29
C THR B 334 -22.96 -14.90 22.14
N PRO B 335 -24.26 -15.07 22.38
CA PRO B 335 -25.23 -14.95 21.30
C PRO B 335 -25.21 -13.53 20.73
N LEU B 336 -25.41 -13.43 19.42
CA LEU B 336 -25.41 -12.12 18.77
C LEU B 336 -26.51 -11.23 19.34
N LEU B 337 -27.67 -11.82 19.66
CA LEU B 337 -28.76 -11.05 20.25
C LEU B 337 -28.35 -10.41 21.56
N ASP B 338 -27.66 -11.17 22.42
CA ASP B 338 -27.16 -10.63 23.67
C ASP B 338 -26.12 -9.53 23.43
N LEU B 339 -25.18 -9.78 22.53
CA LEU B 339 -24.18 -8.77 22.18
C LEU B 339 -24.85 -7.48 21.76
N MET B 340 -25.81 -7.57 20.85
CA MET B 340 -26.45 -6.36 20.35
C MET B 340 -27.31 -5.71 21.42
N SER B 341 -27.92 -6.50 22.31
N SER B 341 -27.92 -6.50 22.31
CA SER B 341 -28.64 -5.90 23.43
CA SER B 341 -28.63 -5.96 23.44
C SER B 341 -27.71 -5.05 24.29
C SER B 341 -27.72 -5.07 24.28
N ASP B 342 -26.50 -5.55 24.56
CA ASP B 342 -25.55 -4.77 25.35
C ASP B 342 -25.04 -3.56 24.59
N ALA B 343 -24.93 -3.66 23.26
CA ALA B 343 -24.57 -2.49 22.46
C ALA B 343 -25.59 -1.37 22.60
N LEU B 344 -26.88 -1.73 22.59
CA LEU B 344 -27.94 -0.74 22.79
C LEU B 344 -27.83 -0.09 24.16
N VAL B 345 -27.60 -0.89 25.21
CA VAL B 345 -27.47 -0.34 26.55
C VAL B 345 -26.26 0.59 26.63
N LEU B 346 -25.15 0.19 26.02
CA LEU B 346 -23.96 1.04 26.06
C LEU B 346 -24.20 2.35 25.31
N ALA B 347 -24.88 2.27 24.17
CA ALA B 347 -25.18 3.49 23.42
C ALA B 347 -26.11 4.41 24.21
N LYS B 348 -27.08 3.83 24.91
CA LYS B 348 -27.95 4.63 25.76
C LYS B 348 -27.13 5.32 26.85
N MET B 349 -26.26 4.56 27.53
CA MET B 349 -25.42 5.10 28.59
C MET B 349 -24.55 6.25 28.11
N LYS B 350 -24.13 6.23 26.85
CA LYS B 350 -23.21 7.22 26.30
C LYS B 350 -23.93 8.42 25.71
N GLY B 351 -25.25 8.50 25.84
CA GLY B 351 -25.99 9.68 25.44
C GLY B 351 -26.53 9.68 24.03
N PHE B 352 -26.51 8.55 23.33
CA PHE B 352 -27.01 8.54 21.96
C PHE B 352 -28.53 8.61 21.94
N ASP B 353 -29.09 9.23 20.89
CA ASP B 353 -30.53 9.32 20.71
C ASP B 353 -31.09 8.14 19.93
N VAL B 354 -30.28 7.48 19.12
CA VAL B 354 -30.75 6.41 18.25
C VAL B 354 -29.55 5.54 17.91
N PHE B 355 -29.82 4.26 17.64
CA PHE B 355 -28.81 3.27 17.28
C PHE B 355 -29.21 2.71 15.92
N ASN B 356 -28.36 2.91 14.92
CA ASN B 356 -28.66 2.50 13.56
C ASN B 356 -27.90 1.25 13.20
N ALA B 357 -28.51 0.41 12.38
CA ALA B 357 -27.83 -0.76 11.86
C ALA B 357 -28.43 -1.12 10.52
N LEU B 358 -27.60 -1.69 9.66
CA LEU B 358 -28.02 -2.17 8.35
C LEU B 358 -28.53 -3.59 8.48
N ASP B 359 -29.24 -4.06 7.45
CA ASP B 359 -29.70 -5.44 7.41
C ASP B 359 -28.66 -6.37 6.79
N LEU B 360 -27.37 -6.03 6.85
CA LEU B 360 -26.35 -6.90 6.27
C LEU B 360 -25.81 -7.86 7.33
N MET B 361 -24.82 -8.66 6.93
CA MET B 361 -24.27 -9.74 7.74
C MET B 361 -25.44 -10.50 8.37
N GLU B 362 -25.36 -10.84 9.65
CA GLU B 362 -26.45 -11.56 10.29
C GLU B 362 -27.41 -10.64 11.02
N ASN B 363 -27.45 -9.36 10.65
CA ASN B 363 -28.18 -8.40 11.48
C ASN B 363 -29.69 -8.66 11.45
N LYS B 364 -30.22 -9.24 10.37
CA LYS B 364 -31.65 -9.51 10.33
C LYS B 364 -32.08 -10.41 11.48
N THR B 365 -31.19 -11.26 11.99
CA THR B 365 -31.56 -12.15 13.09
C THR B 365 -31.93 -11.41 14.37
N PHE B 366 -31.53 -10.14 14.52
CA PHE B 366 -31.85 -9.43 15.76
C PHE B 366 -32.65 -8.15 15.59
N LEU B 367 -32.80 -7.63 14.38
CA LEU B 367 -33.37 -6.29 14.23
C LEU B 367 -34.77 -6.21 14.83
N GLU B 368 -35.66 -7.11 14.43
CA GLU B 368 -37.03 -7.03 14.96
C GLU B 368 -37.08 -7.40 16.43
N LYS B 369 -36.36 -8.45 16.83
CA LYS B 369 -36.38 -8.87 18.23
C LYS B 369 -35.92 -7.76 19.17
N LEU B 370 -34.97 -6.94 18.75
CA LEU B 370 -34.48 -5.86 19.62
C LEU B 370 -35.20 -4.55 19.39
N LYS B 371 -36.34 -4.58 18.69
CA LYS B 371 -37.25 -3.43 18.53
C LYS B 371 -36.68 -2.34 17.63
N PHE B 372 -35.84 -2.71 16.66
CA PHE B 372 -35.51 -1.77 15.58
C PHE B 372 -36.73 -1.59 14.68
N GLY B 373 -36.86 -0.39 14.11
CA GLY B 373 -37.88 -0.10 13.11
C GLY B 373 -37.21 0.19 11.77
N ILE B 374 -37.81 -0.30 10.68
CA ILE B 374 -37.21 -0.13 9.37
C ILE B 374 -37.15 1.35 9.01
N GLY B 375 -36.09 1.73 8.29
CA GLY B 375 -35.89 3.10 7.88
C GLY B 375 -36.39 3.35 6.48
N ASP B 376 -36.35 4.62 6.09
CA ASP B 376 -36.73 5.02 4.74
C ASP B 376 -35.55 5.09 3.79
N GLY B 377 -34.36 4.70 4.21
CA GLY B 377 -33.18 4.82 3.38
C GLY B 377 -32.47 3.52 3.04
N ASN B 378 -32.31 3.23 1.75
CA ASN B 378 -31.49 2.13 1.30
C ASN B 378 -30.05 2.59 1.09
N LEU B 379 -29.11 1.73 1.45
CA LEU B 379 -27.70 1.94 1.17
C LEU B 379 -27.29 0.92 0.09
N GLN B 380 -27.04 1.41 -1.12
CA GLN B 380 -26.55 0.58 -2.20
C GLN B 380 -25.05 0.42 -2.12
N TYR B 381 -24.56 -0.78 -2.43
CA TYR B 381 -23.13 -1.09 -2.46
C TYR B 381 -22.70 -1.30 -3.91
N TYR B 382 -21.52 -0.79 -4.26
CA TYR B 382 -21.04 -0.73 -5.64
C TYR B 382 -19.57 -1.11 -5.72
N LEU B 383 -19.21 -1.76 -6.83
CA LEU B 383 -17.82 -1.99 -7.21
C LEU B 383 -17.56 -1.30 -8.55
N TYR B 384 -16.43 -0.61 -8.64
CA TYR B 384 -16.02 0.04 -9.89
C TYR B 384 -15.03 -0.86 -10.63
N ASN B 385 -15.31 -1.11 -11.91
CA ASN B 385 -14.45 -1.95 -12.76
C ASN B 385 -14.32 -3.36 -12.20
N TRP B 386 -15.42 -3.91 -11.68
CA TRP B 386 -15.43 -5.32 -11.28
C TRP B 386 -16.78 -5.92 -11.60
N LYS B 387 -16.76 -7.01 -12.37
CA LYS B 387 -17.96 -7.72 -12.81
C LYS B 387 -18.15 -8.93 -11.91
N CYS B 388 -19.30 -8.99 -11.24
CA CYS B 388 -19.62 -10.15 -10.42
C CYS B 388 -21.12 -10.17 -10.19
N PRO B 389 -21.69 -11.31 -9.80
CA PRO B 389 -23.13 -11.35 -9.52
C PRO B 389 -23.49 -10.58 -8.25
N SER B 390 -24.72 -10.06 -8.24
CA SER B 390 -25.20 -9.40 -7.04
C SER B 390 -25.42 -10.43 -5.93
N MET B 391 -25.59 -9.91 -4.71
CA MET B 391 -25.73 -10.76 -3.54
C MET B 391 -26.79 -10.15 -2.63
N GLY B 392 -27.37 -10.99 -1.77
CA GLY B 392 -28.30 -10.49 -0.79
C GLY B 392 -27.60 -9.74 0.33
N ALA B 393 -28.37 -8.90 1.01
CA ALA B 393 -27.81 -8.08 2.09
C ALA B 393 -27.06 -8.92 3.12
N GLU B 394 -27.56 -10.13 3.40
CA GLU B 394 -26.96 -10.98 4.42
C GLU B 394 -25.57 -11.50 4.02
N LYS B 395 -25.17 -11.35 2.76
CA LYS B 395 -23.81 -11.74 2.37
C LYS B 395 -22.89 -10.53 2.22
N VAL B 396 -23.38 -9.31 2.42
CA VAL B 396 -22.52 -8.13 2.47
C VAL B 396 -21.90 -8.07 3.85
N GLY B 397 -20.56 -8.05 3.90
CA GLY B 397 -19.85 -8.05 5.16
C GLY B 397 -18.86 -6.90 5.24
N LEU B 398 -19.28 -5.73 4.78
CA LEU B 398 -18.45 -4.55 4.69
C LEU B 398 -19.25 -3.34 5.18
N VAL B 399 -18.70 -2.59 6.13
CA VAL B 399 -19.35 -1.43 6.69
C VAL B 399 -18.40 -0.25 6.51
N LEU B 400 -18.86 0.79 5.82
CA LEU B 400 -18.05 1.98 5.62
C LEU B 400 -18.46 3.05 6.65
N GLN B 401 -18.12 4.31 6.38
CA GLN B 401 -18.44 5.40 7.32
C GLN B 401 -19.33 6.45 6.65
N GLY C 1 20.72 -7.48 0.34
CA GLY C 1 21.73 -6.49 0.02
C GLY C 1 22.41 -6.83 -1.30
N ASN C 2 23.06 -5.84 -1.88
CA ASN C 2 23.82 -6.04 -3.09
C ASN C 2 25.10 -6.84 -2.80
N CYS C 3 25.79 -7.24 -3.87
CA CYS C 3 27.05 -7.97 -3.83
C CYS C 3 28.13 -7.09 -4.44
N PHE C 4 29.31 -7.02 -3.81
CA PHE C 4 30.41 -6.32 -4.43
C PHE C 4 31.24 -7.30 -5.25
N SER C 5 31.29 -7.10 -6.57
CA SER C 5 32.05 -7.96 -7.46
C SER C 5 33.11 -7.14 -8.19
N LYS C 6 34.23 -7.79 -8.52
CA LYS C 6 35.28 -7.16 -9.31
C LYS C 6 35.76 -8.16 -10.36
N ALA C 7 36.69 -7.71 -11.21
CA ALA C 7 37.13 -8.53 -12.35
C ALA C 7 37.81 -9.79 -11.84
N ARG C 8 37.33 -10.94 -12.31
CA ARG C 8 37.88 -12.22 -11.92
C ARG C 8 39.35 -12.27 -12.32
N GLY D 1 -20.66 7.67 -0.62
CA GLY D 1 -20.95 8.27 0.67
C GLY D 1 -22.01 7.46 1.40
N ASN D 2 -22.17 7.72 2.70
CA ASN D 2 -23.23 7.10 3.48
C ASN D 2 -24.58 7.69 3.08
N CYS D 3 -25.65 7.07 3.56
CA CYS D 3 -27.02 7.48 3.28
C CYS D 3 -27.68 7.85 4.59
N PHE D 4 -28.47 8.94 4.61
CA PHE D 4 -29.20 9.30 5.82
C PHE D 4 -30.59 8.71 5.78
N SER D 5 -30.90 7.85 6.73
CA SER D 5 -32.19 7.20 6.81
C SER D 5 -32.87 7.61 8.12
N LYS D 6 -34.19 7.73 8.08
CA LYS D 6 -34.99 7.92 9.28
C LYS D 6 -36.09 6.87 9.31
N ALA D 7 -36.80 6.84 10.44
CA ALA D 7 -37.82 5.82 10.67
C ALA D 7 -38.91 5.90 9.61
N ARG D 8 -39.12 4.77 8.90
CA ARG D 8 -40.21 4.65 7.92
C ARG D 8 -41.56 4.70 8.63
#